data_4EK1
#
_entry.id   4EK1
#
_cell.length_a   56.020
_cell.length_b   101.530
_cell.length_c   72.980
_cell.angle_alpha   90.000
_cell.angle_beta   107.390
_cell.angle_gamma   90.000
#
_symmetry.space_group_name_H-M   'P 1 21 1'
#
loop_
_entity.id
_entity.type
_entity.pdbx_description
1 polymer 'Camphor 5-monooxygenase'
2 non-polymer 'PROTOPORPHYRIN IX CONTAINING FE'
3 non-polymer CAMPHOR
4 non-polymer 'POTASSIUM ION'
5 non-polymer 'S-[(1-oxyl-2,2,5,5-tetramethyl-2,5-dihydro-1H-pyrrol-3-yl)methyl] methanesulfonothioate'
6 water water
#
_entity_poly.entity_id   1
_entity_poly.type   'polypeptide(L)'
_entity_poly.pdbx_seq_one_letter_code
;TTETIQSNANLAPLPPHVPEHLVFDFDMYNPSNLSAGVQEAWAVLQECNVPDLVWTRSNGGHWIATRGQLIREAYEDYRH
FSSESPFIPREAGEAYDFIPTSMDPPEQRQFRALANQVVGMPVVDKLENRIQELASSLIESLRPQGQCNFTEDYAEPFPI
RIFMLLAGLPEEDIPHLKYLTDQMTRPDGCMTFAEAKEALYDYLIPIIEQRRQKPGTDAISIVANGQVNGRPITSDEAKR
MCGLLLVGGLDTVVNFLSFSMEFLAKSPEHRQELIERPERIPAASEELLRRFSLVADGRILTSDYEFHGVQLKKGDQILL
PQMLSGLDERENAAPMHVDFSRQKVSHTTFGHGSHLCLGQHLARREIIVTLKEWLTRIPDFSIAPGAQIQHKSGIVSGVQ
ALPLVWDPATTKAV
;
_entity_poly.pdbx_strand_id   A,B
#
# COMPACT_ATOMS: atom_id res chain seq x y z
N LEU A 11 15.12 -14.32 -2.99
CA LEU A 11 15.29 -15.39 -4.02
C LEU A 11 15.36 -16.79 -3.45
N ALA A 12 14.42 -17.65 -3.83
CA ALA A 12 14.36 -19.03 -3.35
C ALA A 12 15.37 -19.94 -4.07
N PRO A 13 15.95 -20.91 -3.33
CA PRO A 13 16.97 -21.82 -3.90
C PRO A 13 16.48 -22.59 -5.14
N LEU A 14 17.28 -22.61 -6.19
CA LEU A 14 16.93 -23.26 -7.43
C LEU A 14 16.62 -24.75 -7.22
N PRO A 15 15.38 -25.20 -7.58
CA PRO A 15 15.07 -26.63 -7.52
C PRO A 15 15.95 -27.40 -8.50
N PRO A 16 16.46 -28.57 -8.08
CA PRO A 16 17.34 -29.41 -8.90
C PRO A 16 16.87 -29.71 -10.32
N HIS A 17 15.57 -29.80 -10.54
CA HIS A 17 15.06 -30.14 -11.87
C HIS A 17 15.13 -28.97 -12.88
N VAL A 18 15.38 -27.76 -12.38
CA VAL A 18 15.50 -26.58 -13.23
C VAL A 18 16.96 -26.33 -13.68
N PRO A 19 17.24 -26.44 -15.01
CA PRO A 19 18.59 -26.12 -15.53
C PRO A 19 18.96 -24.65 -15.29
N GLU A 20 20.22 -24.38 -14.98
CA GLU A 20 20.70 -23.01 -14.75
C GLU A 20 20.43 -22.04 -15.88
N HIS A 21 20.56 -22.49 -17.13
CA HIS A 21 20.37 -21.57 -18.25
C HIS A 21 18.93 -21.08 -18.34
N LEU A 22 18.03 -21.67 -17.57
CA LEU A 22 16.62 -21.28 -17.68
C LEU A 22 16.20 -20.22 -16.66
N VAL A 23 17.14 -19.89 -15.79
CA VAL A 23 16.89 -18.96 -14.70
C VAL A 23 16.88 -17.52 -15.20
N PHE A 24 15.82 -16.81 -14.85
CA PHE A 24 15.72 -15.38 -15.12
C PHE A 24 14.84 -14.83 -14.01
N ASP A 25 15.45 -14.10 -13.09
CA ASP A 25 14.80 -13.75 -11.84
C ASP A 25 13.85 -12.55 -11.92
N PHE A 26 12.85 -12.64 -12.78
CA PHE A 26 11.81 -11.61 -12.87
C PHE A 26 10.85 -11.64 -11.65
N ASP A 27 10.60 -10.47 -11.05
CA ASP A 27 9.66 -10.28 -9.91
C ASP A 27 8.41 -9.59 -10.43
N MET A 28 7.34 -10.35 -10.61
CA MET A 28 6.07 -9.83 -11.13
C MET A 28 5.47 -8.70 -10.29
N TYR A 29 5.81 -8.65 -9.01
CA TYR A 29 5.27 -7.58 -8.16
C TYR A 29 6.16 -6.33 -8.07
N ASN A 30 7.40 -6.44 -8.56
CA ASN A 30 8.37 -5.36 -8.48
C ASN A 30 9.40 -5.50 -9.62
N PRO A 31 8.94 -5.33 -10.88
CA PRO A 31 9.86 -5.64 -11.99
C PRO A 31 10.94 -4.58 -12.16
N SER A 32 12.14 -5.05 -12.46
CA SER A 32 13.35 -4.22 -12.59
C SER A 32 13.14 -2.92 -13.37
N ASN A 33 12.58 -3.02 -14.57
CA ASN A 33 12.56 -1.86 -15.46
C ASN A 33 11.24 -1.08 -15.38
N LEU A 34 10.62 -1.08 -14.20
CA LEU A 34 9.27 -0.51 -14.05
C LEU A 34 9.22 0.98 -14.40
N SER A 35 10.32 1.69 -14.13
CA SER A 35 10.40 3.12 -14.47
C SER A 35 10.16 3.40 -15.96
N ALA A 36 10.39 2.40 -16.81
CA ALA A 36 10.17 2.56 -18.25
C ALA A 36 8.69 2.38 -18.64
N GLY A 37 7.85 2.01 -17.67
CA GLY A 37 6.45 1.66 -17.95
C GLY A 37 6.25 0.19 -17.65
N VAL A 38 5.09 -0.17 -17.09
CA VAL A 38 4.88 -1.55 -16.65
C VAL A 38 4.93 -2.56 -17.82
N GLN A 39 4.24 -2.24 -18.93
CA GLN A 39 4.33 -3.09 -20.12
C GLN A 39 5.77 -3.24 -20.58
N GLU A 40 6.56 -2.19 -20.45
CA GLU A 40 7.96 -2.20 -20.88
C GLU A 40 8.80 -3.10 -19.96
N ALA A 41 8.49 -3.02 -18.67
CA ALA A 41 9.15 -3.80 -17.65
C ALA A 41 8.94 -5.28 -17.95
N TRP A 42 7.69 -5.66 -18.19
CA TRP A 42 7.39 -7.06 -18.48
C TRP A 42 7.99 -7.52 -19.83
N ALA A 43 7.95 -6.64 -20.83
CA ALA A 43 8.58 -6.89 -22.13
C ALA A 43 10.11 -7.24 -22.10
N VAL A 44 10.80 -6.94 -20.99
CA VAL A 44 12.21 -7.40 -20.90
C VAL A 44 12.29 -8.93 -21.02
N LEU A 45 11.17 -9.59 -20.75
CA LEU A 45 11.08 -11.05 -20.82
C LEU A 45 11.11 -11.56 -22.25
N GLN A 46 11.00 -10.65 -23.21
CA GLN A 46 10.86 -11.00 -24.62
C GLN A 46 12.03 -10.54 -25.47
N GLU A 47 13.05 -9.96 -24.83
CA GLU A 47 14.34 -9.68 -25.48
C GLU A 47 15.05 -10.99 -25.79
N CYS A 48 15.95 -10.97 -26.76
CA CYS A 48 16.43 -12.20 -27.38
C CYS A 48 17.25 -13.10 -26.45
N ASN A 49 17.73 -12.54 -25.35
CA ASN A 49 18.56 -13.30 -24.42
C ASN A 49 17.73 -14.13 -23.43
N VAL A 50 16.40 -14.04 -23.54
CA VAL A 50 15.51 -14.74 -22.66
C VAL A 50 14.83 -15.90 -23.39
N PRO A 51 14.96 -17.13 -22.85
CA PRO A 51 14.24 -18.30 -23.35
C PRO A 51 12.72 -18.18 -23.29
N ASP A 52 12.04 -18.99 -24.11
CA ASP A 52 10.58 -18.98 -24.19
C ASP A 52 9.90 -19.28 -22.85
N LEU A 53 10.59 -20.07 -22.02
CA LEU A 53 10.07 -20.49 -20.73
C LEU A 53 11.21 -20.39 -19.73
N VAL A 54 11.07 -19.51 -18.77
CA VAL A 54 12.12 -19.29 -17.79
C VAL A 54 11.64 -19.64 -16.40
N TRP A 55 12.59 -19.87 -15.49
CA TRP A 55 12.31 -20.02 -14.08
C TRP A 55 12.81 -18.76 -13.37
N THR A 56 11.93 -18.06 -12.69
CA THR A 56 12.39 -17.06 -11.73
C THR A 56 12.41 -17.65 -10.33
N ARG A 57 13.45 -17.27 -9.58
CA ARG A 57 13.57 -17.65 -8.20
C ARG A 57 12.81 -16.67 -7.31
N SER A 58 12.29 -15.59 -7.87
CA SER A 58 11.44 -14.65 -7.11
C SER A 58 10.12 -15.27 -6.67
N ASN A 59 9.51 -14.65 -5.66
CA ASN A 59 8.15 -14.97 -5.23
C ASN A 59 7.91 -16.45 -4.92
N GLY A 60 8.92 -17.07 -4.30
CA GLY A 60 8.87 -18.48 -3.95
C GLY A 60 9.44 -19.37 -5.04
N GLY A 61 9.50 -18.85 -6.26
CA GLY A 61 10.01 -19.59 -7.39
C GLY A 61 8.93 -20.21 -8.25
N HIS A 62 9.03 -19.97 -9.55
CA HIS A 62 7.99 -20.37 -10.47
C HIS A 62 8.40 -20.18 -11.93
N TRP A 63 7.70 -20.86 -12.84
CA TRP A 63 7.94 -20.75 -14.27
C TRP A 63 7.24 -19.52 -14.79
N ILE A 64 7.71 -18.98 -15.91
CA ILE A 64 7.03 -17.89 -16.62
C ILE A 64 7.17 -18.23 -18.08
N ALA A 65 6.06 -18.36 -18.77
CA ALA A 65 6.08 -18.42 -20.25
C ALA A 65 6.09 -17.01 -20.79
N THR A 66 6.98 -16.74 -21.75
CA THR A 66 7.24 -15.36 -22.18
C THR A 66 6.65 -15.07 -23.56
N ARG A 67 6.06 -16.08 -24.19
CA ARG A 67 5.63 -15.95 -25.58
C ARG A 67 4.19 -16.39 -25.77
N GLY A 68 3.50 -15.73 -26.70
CA GLY A 68 2.08 -16.01 -26.98
C GLY A 68 1.75 -17.47 -27.20
N GLN A 69 2.53 -18.10 -28.06
CA GLN A 69 2.37 -19.52 -28.39
C GLN A 69 2.28 -20.41 -27.15
N LEU A 70 3.22 -20.27 -26.21
CA LEU A 70 3.21 -21.07 -24.99
C LEU A 70 2.08 -20.68 -24.07
N ILE A 71 1.83 -19.37 -23.97
CA ILE A 71 0.79 -18.84 -23.09
C ILE A 71 -0.55 -19.44 -23.52
N ARG A 72 -0.87 -19.34 -24.81
CA ARG A 72 -2.10 -19.89 -25.35
C ARG A 72 -2.18 -21.41 -25.16
N GLU A 73 -1.13 -22.12 -25.56
CA GLU A 73 -1.08 -23.59 -25.38
C GLU A 73 -1.38 -24.03 -23.96
N ALA A 74 -0.69 -23.42 -22.99
CA ALA A 74 -0.87 -23.74 -21.59
C ALA A 74 -2.31 -23.44 -21.10
N TYR A 75 -2.88 -22.28 -21.45
CA TYR A 75 -4.27 -21.95 -21.10
C TYR A 75 -5.28 -22.92 -21.75
N GLU A 76 -4.91 -23.49 -22.90
CA GLU A 76 -5.77 -24.50 -23.53
C GLU A 76 -5.65 -25.86 -22.83
N ASP A 77 -4.46 -26.23 -22.41
CA ASP A 77 -4.25 -27.56 -21.83
C ASP A 77 -4.50 -27.56 -20.31
N TYR A 78 -5.75 -27.55 -19.89
CA TYR A 78 -6.07 -27.48 -18.46
C TYR A 78 -5.72 -28.78 -17.72
N ARG A 79 -5.63 -29.88 -18.46
CA ARG A 79 -5.30 -31.19 -17.88
C ARG A 79 -3.91 -31.18 -17.25
N HIS A 80 -2.96 -30.52 -17.90
CA HIS A 80 -1.64 -30.35 -17.30
C HIS A 80 -1.48 -29.10 -16.43
N PHE A 81 -2.17 -28.04 -16.81
CA PHE A 81 -2.02 -26.74 -16.15
C PHE A 81 -3.36 -26.37 -15.53
N SER A 82 -3.57 -26.76 -14.29
CA SER A 82 -4.89 -26.61 -13.63
C SER A 82 -5.08 -25.17 -13.14
N SER A 83 -6.31 -24.68 -13.21
CA SER A 83 -6.60 -23.36 -12.65
C SER A 83 -6.92 -23.41 -11.17
N GLU A 84 -6.73 -24.55 -10.53
CA GLU A 84 -7.04 -24.67 -9.08
C GLU A 84 -6.20 -23.70 -8.24
N SER A 85 -4.96 -23.47 -8.66
CA SER A 85 -4.07 -22.53 -7.98
C SER A 85 -3.52 -21.53 -9.01
N PRO A 86 -4.29 -20.45 -9.30
CA PRO A 86 -3.91 -19.58 -10.43
C PRO A 86 -3.08 -18.32 -10.08
N PHE A 87 -2.82 -18.09 -8.79
CA PHE A 87 -2.05 -16.94 -8.33
C PHE A 87 -0.69 -17.36 -7.76
N ILE A 88 0.32 -16.54 -8.04
CA ILE A 88 1.64 -16.57 -7.42
C ILE A 88 1.53 -15.46 -6.40
N PRO A 89 2.09 -15.62 -5.18
CA PRO A 89 2.84 -16.77 -4.68
C PRO A 89 1.93 -17.97 -4.35
N ARG A 90 2.56 -19.09 -4.03
CA ARG A 90 1.89 -20.36 -3.73
C ARG A 90 0.79 -20.24 -2.69
N GLU A 91 1.04 -19.53 -1.59
CA GLU A 91 0.04 -19.31 -0.53
C GLU A 91 -1.25 -18.70 -1.08
N ALA A 92 -1.09 -17.74 -2.00
CA ALA A 92 -2.22 -17.07 -2.64
C ALA A 92 -3.01 -18.01 -3.56
N GLY A 93 -2.30 -18.72 -4.44
CA GLY A 93 -2.93 -19.75 -5.28
C GLY A 93 -3.62 -20.86 -4.47
N GLU A 94 -2.98 -21.30 -3.39
CA GLU A 94 -3.60 -22.26 -2.46
C GLU A 94 -4.94 -21.75 -1.93
N ALA A 95 -4.94 -20.55 -1.34
CA ALA A 95 -6.16 -19.99 -0.78
C ALA A 95 -7.20 -19.51 -1.83
N TYR A 96 -6.75 -19.21 -3.05
CA TYR A 96 -7.64 -18.74 -4.12
C TYR A 96 -8.72 -19.78 -4.39
N ASP A 97 -9.98 -19.37 -4.27
CA ASP A 97 -11.09 -20.31 -4.43
C ASP A 97 -12.29 -19.68 -5.15
N PHE A 98 -12.06 -18.56 -5.84
CA PHE A 98 -13.13 -17.87 -6.55
C PHE A 98 -13.75 -18.76 -7.62
N ILE A 99 -15.03 -18.56 -7.87
CA ILE A 99 -15.73 -19.27 -8.91
C ILE A 99 -16.10 -18.29 -10.06
N PRO A 100 -15.91 -18.70 -11.35
CA PRO A 100 -15.54 -20.00 -11.89
C PRO A 100 -14.05 -20.31 -12.00
N THR A 101 -13.19 -19.33 -11.69
CA THR A 101 -11.78 -19.41 -12.11
C THR A 101 -11.01 -20.60 -11.52
N SER A 102 -11.26 -20.94 -10.26
CA SER A 102 -10.48 -22.01 -9.61
C SER A 102 -10.92 -23.42 -10.01
N MET A 103 -11.96 -23.54 -10.83
CA MET A 103 -12.47 -24.85 -11.27
C MET A 103 -12.04 -25.23 -12.69
N ASP A 104 -11.61 -26.48 -12.89
CA ASP A 104 -11.28 -26.96 -14.24
C ASP A 104 -12.53 -27.50 -14.96
N PRO A 105 -12.49 -27.54 -16.31
CA PRO A 105 -13.62 -28.10 -17.06
C PRO A 105 -13.88 -29.57 -16.72
N PRO A 106 -15.14 -30.01 -16.82
CA PRO A 106 -16.31 -29.22 -17.19
C PRO A 106 -16.98 -28.48 -16.03
N GLU A 107 -16.46 -28.61 -14.82
CA GLU A 107 -17.15 -28.18 -13.58
C GLU A 107 -17.50 -26.69 -13.57
N GLN A 108 -16.73 -25.89 -14.30
CA GLN A 108 -16.87 -24.43 -14.30
C GLN A 108 -18.01 -23.93 -15.21
N ARG A 109 -18.39 -24.73 -16.22
CA ARG A 109 -19.36 -24.28 -17.23
C ARG A 109 -20.68 -23.79 -16.64
N GLN A 110 -21.24 -24.54 -15.71
CA GLN A 110 -22.51 -24.20 -15.08
C GLN A 110 -22.46 -22.83 -14.37
N PHE A 111 -21.30 -22.55 -13.79
CA PHE A 111 -21.07 -21.28 -13.08
C PHE A 111 -20.82 -20.09 -14.00
N ARG A 112 -20.18 -20.34 -15.14
CA ARG A 112 -20.05 -19.31 -16.19
C ARG A 112 -21.41 -18.87 -16.74
N ALA A 113 -22.30 -19.83 -16.94
CA ALA A 113 -23.67 -19.58 -17.42
C ALA A 113 -24.40 -18.65 -16.46
N LEU A 114 -24.36 -19.01 -15.19
CA LEU A 114 -24.97 -18.19 -14.14
C LEU A 114 -24.38 -16.77 -14.12
N ALA A 115 -23.06 -16.65 -14.10
CA ALA A 115 -22.38 -15.34 -14.16
C ALA A 115 -22.79 -14.51 -15.41
N ASN A 116 -23.00 -15.17 -16.53
CA ASN A 116 -23.46 -14.50 -17.75
C ASN A 116 -24.84 -13.87 -17.64
N GLN A 117 -25.62 -14.29 -16.63
CA GLN A 117 -26.92 -13.70 -16.38
C GLN A 117 -26.80 -12.34 -15.72
N VAL A 118 -25.62 -12.04 -15.15
CA VAL A 118 -25.39 -10.75 -14.54
C VAL A 118 -24.38 -9.84 -15.27
N VAL A 119 -23.52 -10.40 -16.13
CA VAL A 119 -22.51 -9.62 -16.87
C VAL A 119 -22.44 -9.89 -18.39
N GLY A 120 -23.23 -10.84 -18.89
CA GLY A 120 -23.20 -11.22 -20.30
C GLY A 120 -23.66 -10.12 -21.24
N MET A 121 -23.35 -10.27 -22.53
CA MET A 121 -23.69 -9.23 -23.50
C MET A 121 -25.10 -8.63 -23.30
N PRO A 122 -26.16 -9.46 -23.24
CA PRO A 122 -27.51 -8.94 -23.01
C PRO A 122 -27.68 -7.97 -21.82
N VAL A 123 -27.01 -8.26 -20.71
CA VAL A 123 -26.97 -7.36 -19.56
C VAL A 123 -26.25 -6.07 -19.95
N VAL A 124 -25.10 -6.18 -20.59
CA VAL A 124 -24.37 -4.97 -20.96
C VAL A 124 -25.20 -4.06 -21.87
N ASP A 125 -25.94 -4.63 -22.83
CA ASP A 125 -26.74 -3.82 -23.74
C ASP A 125 -27.85 -3.06 -23.03
N LYS A 126 -28.47 -3.71 -22.04
CA LYS A 126 -29.48 -3.05 -21.23
C LYS A 126 -28.89 -2.03 -20.23
N LEU A 127 -27.61 -2.18 -19.87
CA LEU A 127 -26.91 -1.24 -18.98
C LEU A 127 -26.25 -0.06 -19.72
N GLU A 128 -26.18 -0.11 -21.05
CA GLU A 128 -25.46 0.93 -21.80
C GLU A 128 -25.94 2.35 -21.49
N ASN A 129 -27.24 2.52 -21.34
CA ASN A 129 -27.77 3.84 -20.97
C ASN A 129 -27.23 4.39 -19.66
N ARG A 130 -27.17 3.58 -18.59
CA ARG A 130 -26.53 4.03 -17.34
C ARG A 130 -25.01 4.31 -17.50
N ILE A 131 -24.32 3.43 -18.23
CA ILE A 131 -22.91 3.66 -18.51
C ILE A 131 -22.73 5.04 -19.17
N GLN A 132 -23.47 5.30 -20.26
CA GLN A 132 -23.38 6.59 -20.95
C GLN A 132 -23.72 7.74 -20.01
N GLU A 133 -24.83 7.60 -19.29
CA GLU A 133 -25.25 8.58 -18.33
C GLU A 133 -24.13 8.96 -17.36
N LEU A 134 -23.49 7.94 -16.77
CA LEU A 134 -22.53 8.17 -15.70
C LEU A 134 -21.28 8.79 -16.28
N ALA A 135 -20.83 8.23 -17.41
CA ALA A 135 -19.67 8.78 -18.12
C ALA A 135 -19.87 10.26 -18.44
N SER A 136 -21.00 10.58 -19.08
CA SER A 136 -21.32 11.96 -19.45
CA SER A 136 -21.32 11.97 -19.44
C SER A 136 -21.36 12.86 -18.22
N SER A 137 -21.99 12.40 -17.16
CA SER A 137 -22.10 13.19 -15.95
C SER A 137 -20.72 13.49 -15.34
N LEU A 138 -19.89 12.47 -15.21
CA LEU A 138 -18.57 12.66 -14.61
C LEU A 138 -17.70 13.57 -15.49
N ILE A 139 -17.70 13.30 -16.80
CA ILE A 139 -16.90 14.11 -17.70
C ILE A 139 -17.33 15.60 -17.71
N GLU A 140 -18.64 15.85 -17.70
CA GLU A 140 -19.17 17.21 -17.73
C GLU A 140 -18.83 17.94 -16.43
N SER A 141 -18.85 17.22 -15.33
CA SER A 141 -18.44 17.77 -14.04
CA SER A 141 -18.43 17.77 -14.03
C SER A 141 -16.96 18.20 -14.10
N LEU A 142 -16.13 17.40 -14.77
CA LEU A 142 -14.68 17.68 -14.88
C LEU A 142 -14.33 18.78 -15.87
N ARG A 143 -15.11 18.86 -16.95
CA ARG A 143 -14.79 19.64 -18.16
C ARG A 143 -14.41 21.14 -17.95
N PRO A 144 -15.22 21.91 -17.17
CA PRO A 144 -14.84 23.33 -17.05
C PRO A 144 -13.70 23.58 -16.06
N GLN A 145 -13.26 22.54 -15.36
CA GLN A 145 -12.20 22.66 -14.36
C GLN A 145 -10.80 22.78 -14.96
N GLY A 146 -10.56 22.13 -16.09
CA GLY A 146 -9.28 22.29 -16.79
C GLY A 146 -8.17 21.43 -16.19
N GLN A 147 -8.55 20.49 -15.36
CA GLN A 147 -7.61 19.57 -14.75
C GLN A 147 -8.40 18.46 -14.07
N CYS A 148 -7.74 17.33 -13.85
CA CYS A 148 -8.28 16.29 -12.97
C CYS A 148 -7.17 15.37 -12.48
N ASN A 149 -7.42 14.70 -11.37
CA ASN A 149 -6.60 13.57 -11.00
C ASN A 149 -7.29 12.35 -11.59
N PHE A 150 -6.88 11.92 -12.79
CA PHE A 150 -7.69 10.96 -13.56
C PHE A 150 -8.02 9.64 -12.82
N THR A 151 -7.03 9.09 -12.12
CA THR A 151 -7.26 7.83 -11.44
C THR A 151 -8.40 7.93 -10.41
N GLU A 152 -8.39 8.95 -9.56
CA GLU A 152 -9.44 9.04 -8.56
C GLU A 152 -10.67 9.80 -8.99
N ASP A 153 -10.60 10.56 -10.07
CA ASP A 153 -11.74 11.40 -10.47
C ASP A 153 -12.62 10.75 -11.52
N TYR A 154 -12.07 9.77 -12.22
CA TYR A 154 -12.81 9.09 -13.27
C TYR A 154 -12.56 7.58 -13.33
N ALA A 155 -11.28 7.19 -13.46
CA ALA A 155 -10.95 5.79 -13.74
C ALA A 155 -11.50 4.89 -12.63
N GLU A 156 -11.48 5.38 -11.39
CA GLU A 156 -12.09 4.60 -10.29
C GLU A 156 -13.62 4.75 -10.20
N PRO A 157 -14.14 5.95 -9.97
CA PRO A 157 -15.56 6.01 -9.69
C PRO A 157 -16.45 5.57 -10.87
N PHE A 158 -16.00 5.73 -12.10
CA PHE A 158 -16.83 5.36 -13.23
C PHE A 158 -17.13 3.88 -13.27
N PRO A 159 -16.11 3.03 -13.48
CA PRO A 159 -16.44 1.61 -13.55
C PRO A 159 -16.95 1.07 -12.20
N ILE A 160 -16.43 1.60 -11.11
CA ILE A 160 -16.79 1.09 -9.80
C ILE A 160 -18.23 1.40 -9.46
N ARG A 161 -18.72 2.59 -9.82
CA ARG A 161 -20.11 2.94 -9.51
CA ARG A 161 -20.12 2.95 -9.52
C ARG A 161 -21.11 2.15 -10.37
N ILE A 162 -20.72 1.87 -11.64
CA ILE A 162 -21.52 1.00 -12.51
CA ILE A 162 -21.51 1.00 -12.52
C ILE A 162 -21.61 -0.38 -11.86
N PHE A 163 -20.48 -0.92 -11.42
CA PHE A 163 -20.49 -2.19 -10.74
C PHE A 163 -21.37 -2.20 -9.48
N MET A 164 -21.19 -1.22 -8.60
CA MET A 164 -21.95 -1.17 -7.36
C MET A 164 -23.44 -1.03 -7.65
N LEU A 165 -23.75 -0.31 -8.74
CA LEU A 165 -25.14 -0.15 -9.15
C LEU A 165 -25.69 -1.51 -9.56
N LEU A 166 -24.96 -2.21 -10.44
CA LEU A 166 -25.31 -3.56 -10.90
C LEU A 166 -25.44 -4.55 -9.74
N ALA A 167 -24.54 -4.46 -8.76
CA ALA A 167 -24.53 -5.35 -7.60
C ALA A 167 -25.45 -4.87 -6.47
N GLY A 168 -26.12 -3.74 -6.69
CA GLY A 168 -26.96 -3.09 -5.68
C GLY A 168 -26.30 -2.95 -4.32
N LEU A 169 -25.06 -2.47 -4.33
CA LEU A 169 -24.29 -2.27 -3.09
C LEU A 169 -24.09 -0.77 -2.86
N PRO A 170 -24.07 -0.34 -1.58
CA PRO A 170 -23.85 1.06 -1.24
C PRO A 170 -22.50 1.66 -1.72
N GLU A 171 -22.56 2.83 -2.35
CA GLU A 171 -21.35 3.60 -2.72
C GLU A 171 -20.37 3.86 -1.55
N GLU A 172 -20.91 4.01 -0.35
CA GLU A 172 -20.07 4.30 0.81
CA GLU A 172 -20.12 4.27 0.86
C GLU A 172 -19.19 3.11 1.18
N ASP A 173 -19.42 1.96 0.56
CA ASP A 173 -18.59 0.77 0.81
C ASP A 173 -17.36 0.66 -0.12
N ILE A 174 -17.34 1.46 -1.19
CA ILE A 174 -16.25 1.47 -2.17
C ILE A 174 -14.82 1.52 -1.55
N PRO A 175 -14.53 2.51 -0.69
CA PRO A 175 -13.20 2.53 -0.08
C PRO A 175 -12.77 1.23 0.61
N HIS A 176 -13.62 0.62 1.43
CA HIS A 176 -13.31 -0.68 2.03
C HIS A 176 -13.05 -1.80 0.96
N LEU A 177 -13.95 -1.90 -0.01
CA LEU A 177 -13.87 -2.96 -1.00
C LEU A 177 -12.71 -2.78 -1.99
N LYS A 178 -12.50 -1.55 -2.46
CA LYS A 178 -11.43 -1.28 -3.39
C LYS A 178 -10.09 -1.61 -2.71
N TYR A 179 -9.95 -1.20 -1.45
CA TYR A 179 -8.78 -1.58 -0.66
C TYR A 179 -8.56 -3.09 -0.72
N LEU A 180 -9.60 -3.85 -0.36
CA LEU A 180 -9.49 -5.31 -0.26
C LEU A 180 -9.13 -6.00 -1.57
N THR A 181 -9.74 -5.54 -2.67
CA THR A 181 -9.46 -6.09 -3.99
C THR A 181 -8.04 -5.79 -4.45
N ASP A 182 -7.54 -4.60 -4.12
CA ASP A 182 -6.18 -4.23 -4.47
C ASP A 182 -5.13 -5.07 -3.73
N GLN A 183 -5.44 -5.51 -2.50
CA GLN A 183 -4.55 -6.38 -1.75
C GLN A 183 -4.37 -7.74 -2.39
N MET A 184 -5.39 -8.16 -3.12
CA MET A 184 -5.33 -9.44 -3.79
C MET A 184 -4.50 -9.36 -5.06
N THR A 185 -4.46 -8.18 -5.68
CA THR A 185 -3.78 -8.02 -6.97
C THR A 185 -2.40 -7.38 -6.87
N ARG A 186 -2.30 -6.36 -6.00
CA ARG A 186 -1.06 -5.61 -5.74
C ARG A 186 -0.86 -5.44 -4.22
N PRO A 187 -0.50 -6.54 -3.54
CA PRO A 187 -0.38 -6.50 -2.06
C PRO A 187 0.64 -5.44 -1.64
N ASP A 188 0.24 -4.55 -0.72
CA ASP A 188 1.15 -3.57 -0.13
C ASP A 188 1.93 -4.17 1.05
N GLY A 189 1.56 -5.38 1.46
CA GLY A 189 2.19 -6.05 2.62
C GLY A 189 1.33 -6.17 3.88
N CYS A 190 0.25 -5.40 3.94
CA CYS A 190 -0.65 -5.40 5.11
C CYS A 190 -1.47 -6.68 5.28
N MET A 191 -1.83 -7.30 4.16
CA MET A 191 -2.65 -8.51 4.16
C MET A 191 -2.13 -9.50 3.14
N THR A 192 -2.07 -10.78 3.54
CA THR A 192 -1.92 -11.90 2.60
C THR A 192 -3.18 -11.98 1.75
N PHE A 193 -3.09 -12.64 0.61
CA PHE A 193 -4.26 -12.86 -0.23
C PHE A 193 -5.39 -13.56 0.52
N ALA A 194 -5.03 -14.59 1.30
CA ALA A 194 -6.03 -15.33 2.08
C ALA A 194 -6.82 -14.42 3.03
N GLU A 195 -6.11 -13.52 3.73
CA GLU A 195 -6.74 -12.53 4.62
C GLU A 195 -7.64 -11.54 3.89
N ALA A 196 -7.15 -11.03 2.74
CA ALA A 196 -7.93 -10.14 1.91
C ALA A 196 -9.22 -10.83 1.46
N LYS A 197 -9.10 -12.08 1.00
CA LYS A 197 -10.23 -12.87 0.53
C LYS A 197 -11.28 -13.12 1.63
N GLU A 198 -10.79 -13.54 2.80
CA GLU A 198 -11.67 -13.80 3.94
C GLU A 198 -12.40 -12.56 4.42
N ALA A 199 -11.76 -11.41 4.34
CA ALA A 199 -12.41 -10.14 4.68
C ALA A 199 -13.45 -9.75 3.63
N LEU A 200 -13.16 -9.99 2.36
CA LEU A 200 -14.18 -9.77 1.33
C LEU A 200 -15.38 -10.71 1.52
N TYR A 201 -15.10 -11.99 1.81
CA TYR A 201 -16.14 -12.93 2.19
C TYR A 201 -16.95 -12.49 3.43
N ASP A 202 -16.26 -11.99 4.47
CA ASP A 202 -16.92 -11.43 5.65
C ASP A 202 -17.98 -10.38 5.30
N TYR A 203 -17.59 -9.47 4.41
CA TYR A 203 -18.50 -8.47 3.87
C TYR A 203 -19.71 -9.07 3.13
N LEU A 204 -19.45 -10.05 2.26
CA LEU A 204 -20.49 -10.59 1.37
C LEU A 204 -21.49 -11.55 2.03
N ILE A 205 -21.03 -12.35 2.99
CA ILE A 205 -21.86 -13.39 3.60
C ILE A 205 -23.25 -12.89 4.06
N PRO A 206 -23.31 -11.82 4.91
CA PRO A 206 -24.62 -11.38 5.42
C PRO A 206 -25.51 -10.83 4.28
N ILE A 207 -24.86 -10.17 3.32
CA ILE A 207 -25.56 -9.58 2.20
C ILE A 207 -26.18 -10.70 1.34
N ILE A 208 -25.39 -11.72 1.04
CA ILE A 208 -25.87 -12.90 0.34
C ILE A 208 -27.02 -13.59 1.11
N GLU A 209 -26.89 -13.73 2.45
CA GLU A 209 -27.99 -14.33 3.22
C GLU A 209 -29.27 -13.49 3.12
N GLN A 210 -29.16 -12.18 3.27
CA GLN A 210 -30.33 -11.31 3.18
C GLN A 210 -31.00 -11.39 1.81
N ARG A 211 -30.21 -11.48 0.75
CA ARG A 211 -30.81 -11.51 -0.59
C ARG A 211 -31.23 -12.90 -1.05
N ARG A 212 -30.85 -13.92 -0.28
CA ARG A 212 -31.46 -15.23 -0.43
C ARG A 212 -32.76 -15.30 0.38
N GLN A 213 -32.85 -14.52 1.47
CA GLN A 213 -34.11 -14.43 2.22
C GLN A 213 -35.11 -13.53 1.49
N LYS A 214 -34.63 -12.39 1.00
CA LYS A 214 -35.49 -11.40 0.32
C LYS A 214 -34.84 -10.86 -0.95
N PRO A 215 -34.88 -11.65 -2.04
CA PRO A 215 -34.21 -11.27 -3.29
C PRO A 215 -34.66 -9.93 -3.85
N GLY A 216 -33.68 -9.12 -4.27
CA GLY A 216 -33.92 -7.88 -4.99
C GLY A 216 -33.78 -8.20 -6.47
N THR A 217 -33.47 -7.20 -7.29
CA THR A 217 -33.27 -7.44 -8.74
C THR A 217 -31.81 -7.29 -9.18
N ASP A 218 -30.94 -7.05 -8.20
CA ASP A 218 -29.51 -6.79 -8.41
C ASP A 218 -28.74 -8.10 -8.74
N ALA A 219 -27.51 -7.95 -9.21
CA ALA A 219 -26.63 -9.07 -9.58
C ALA A 219 -26.41 -10.07 -8.46
N ILE A 220 -26.18 -9.57 -7.24
CA ILE A 220 -26.01 -10.50 -6.09
C ILE A 220 -27.26 -11.36 -5.86
N SER A 221 -28.44 -10.73 -5.86
CA SER A 221 -29.73 -11.46 -5.73
C SER A 221 -29.87 -12.51 -6.82
N ILE A 222 -29.48 -12.16 -8.03
CA ILE A 222 -29.56 -13.10 -9.12
C ILE A 222 -28.61 -14.28 -8.93
N VAL A 223 -27.34 -14.00 -8.65
CA VAL A 223 -26.34 -15.05 -8.45
C VAL A 223 -26.68 -15.92 -7.24
N ALA A 224 -26.97 -15.30 -6.10
CA ALA A 224 -27.25 -16.04 -4.86
C ALA A 224 -28.54 -16.88 -4.89
N ASN A 225 -29.40 -16.64 -5.88
CA ASN A 225 -30.63 -17.45 -6.02
C ASN A 225 -30.69 -18.29 -7.29
N GLY A 226 -29.60 -18.34 -8.05
CA GLY A 226 -29.59 -19.08 -9.32
C GLY A 226 -29.47 -20.59 -9.19
N GLN A 227 -29.59 -21.26 -10.32
CA GLN A 227 -29.48 -22.72 -10.43
C GLN A 227 -28.16 -23.09 -11.06
N VAL A 228 -27.46 -24.04 -10.42
CA VAL A 228 -26.32 -24.69 -11.00
C VAL A 228 -26.46 -26.19 -10.77
N ASN A 229 -26.12 -26.97 -11.78
CA ASN A 229 -26.04 -28.43 -11.62
C ASN A 229 -27.34 -29.06 -11.13
N GLY A 230 -28.45 -28.57 -11.69
CA GLY A 230 -29.78 -29.07 -11.44
C GLY A 230 -30.32 -28.81 -10.05
N ARG A 231 -29.74 -27.83 -9.36
CA ARG A 231 -30.13 -27.51 -7.97
C ARG A 231 -29.84 -26.04 -7.59
N PRO A 232 -30.37 -25.57 -6.43
CA PRO A 232 -30.00 -24.19 -6.07
C PRO A 232 -28.52 -24.05 -5.75
N ILE A 233 -27.96 -22.91 -6.15
CA ILE A 233 -26.61 -22.56 -5.78
C ILE A 233 -26.52 -22.53 -4.26
N THR A 234 -25.39 -22.93 -3.71
CA THR A 234 -25.21 -22.81 -2.28
C THR A 234 -24.74 -21.41 -1.92
N SER A 235 -24.86 -21.07 -0.63
CA SER A 235 -24.38 -19.80 -0.12
C SER A 235 -22.89 -19.63 -0.37
N ASP A 236 -22.15 -20.69 -0.09
CA ASP A 236 -20.71 -20.72 -0.28
C ASP A 236 -20.31 -20.50 -1.74
N GLU A 237 -21.00 -21.14 -2.69
CA GLU A 237 -20.70 -20.97 -4.12
C GLU A 237 -21.00 -19.54 -4.55
N ALA A 238 -22.23 -19.09 -4.25
CA ALA A 238 -22.65 -17.68 -4.42
C ALA A 238 -21.59 -16.69 -3.96
N LYS A 239 -21.05 -16.93 -2.78
CA LYS A 239 -20.07 -16.05 -2.16
C LYS A 239 -18.76 -15.99 -2.96
N ARG A 240 -18.29 -17.16 -3.37
CA ARG A 240 -17.05 -17.31 -4.14
C ARG A 240 -17.19 -16.77 -5.55
N MET A 241 -18.42 -16.73 -6.06
CA MET A 241 -18.64 -16.19 -7.40
C MET A 241 -18.81 -14.66 -7.36
N CYS A 242 -19.63 -14.16 -6.44
CA CYS A 242 -19.82 -12.71 -6.22
C CYS A 242 -18.54 -11.94 -5.90
N GLY A 243 -17.71 -12.51 -5.02
CA GLY A 243 -16.36 -12.02 -4.72
C GLY A 243 -15.45 -11.82 -5.93
N LEU A 244 -15.46 -12.75 -6.88
CA LEU A 244 -14.68 -12.60 -8.12
C LEU A 244 -15.26 -11.51 -9.01
N LEU A 245 -16.60 -11.43 -9.05
CA LEU A 245 -17.30 -10.36 -9.76
C LEU A 245 -16.96 -8.98 -9.19
N LEU A 246 -16.80 -8.88 -7.87
CA LEU A 246 -16.34 -7.62 -7.25
C LEU A 246 -14.92 -7.27 -7.64
N VAL A 247 -14.03 -8.26 -7.64
CA VAL A 247 -12.65 -8.03 -8.04
C VAL A 247 -12.62 -7.54 -9.51
N GLY A 248 -13.33 -8.24 -10.40
CA GLY A 248 -13.46 -7.82 -11.79
C GLY A 248 -13.96 -6.38 -11.96
N GLY A 249 -15.01 -6.03 -11.22
CA GLY A 249 -15.63 -4.71 -11.29
C GLY A 249 -14.76 -3.59 -10.73
N LEU A 250 -13.93 -3.92 -9.76
CA LEU A 250 -13.17 -2.86 -9.06
C LEU A 250 -11.71 -2.68 -9.44
N ASP A 251 -11.10 -3.69 -10.08
CA ASP A 251 -9.68 -3.60 -10.34
C ASP A 251 -9.20 -4.04 -11.72
N THR A 252 -9.99 -3.81 -12.76
CA THR A 252 -9.55 -4.17 -14.11
C THR A 252 -9.65 -2.94 -15.02
N VAL A 253 -10.88 -2.64 -15.46
CA VAL A 253 -11.17 -1.44 -16.25
C VAL A 253 -10.64 -0.20 -15.50
N VAL A 254 -10.75 -0.20 -14.19
CA VAL A 254 -10.22 0.92 -13.39
C VAL A 254 -8.78 1.24 -13.80
N ASN A 255 -7.94 0.22 -13.89
CA ASN A 255 -6.54 0.41 -14.26
C ASN A 255 -6.35 0.64 -15.74
N PHE A 256 -7.09 -0.09 -16.56
CA PHE A 256 -6.90 0.01 -18.00
C PHE A 256 -7.19 1.40 -18.58
N LEU A 257 -8.28 2.03 -18.15
CA LEU A 257 -8.61 3.39 -18.59
C LEU A 257 -7.48 4.36 -18.32
N SER A 258 -6.75 4.20 -17.21
CA SER A 258 -5.64 5.12 -16.95
C SER A 258 -4.47 4.93 -17.90
N PHE A 259 -4.15 3.68 -18.28
CA PHE A 259 -3.08 3.44 -19.24
C PHE A 259 -3.45 4.05 -20.57
N SER A 260 -4.73 3.95 -20.94
CA SER A 260 -5.24 4.47 -22.23
C SER A 260 -5.22 5.99 -22.29
N MET A 261 -5.67 6.60 -21.22
CA MET A 261 -5.77 8.03 -21.14
C MET A 261 -4.39 8.64 -20.99
N GLU A 262 -3.50 7.97 -20.26
CA GLU A 262 -2.10 8.40 -20.21
C GLU A 262 -1.54 8.45 -21.62
N PHE A 263 -1.77 7.38 -22.37
CA PHE A 263 -1.26 7.30 -23.73
C PHE A 263 -1.80 8.45 -24.55
N LEU A 264 -3.11 8.61 -24.55
CA LEU A 264 -3.76 9.63 -25.37
C LEU A 264 -3.35 11.06 -24.95
N ALA A 265 -3.19 11.30 -23.66
CA ALA A 265 -2.64 12.60 -23.20
C ALA A 265 -1.26 12.90 -23.80
N LYS A 266 -0.45 11.86 -23.94
CA LYS A 266 0.93 11.98 -24.40
C LYS A 266 1.07 11.92 -25.93
N SER A 267 0.01 11.51 -26.63
CA SER A 267 0.07 11.36 -28.09
C SER A 267 -1.02 12.13 -28.84
N PRO A 268 -0.81 13.46 -29.04
CA PRO A 268 -1.77 14.30 -29.76
C PRO A 268 -2.18 13.77 -31.14
N GLU A 269 -1.28 13.08 -31.82
CA GLU A 269 -1.55 12.56 -33.16
C GLU A 269 -2.59 11.42 -33.17
N HIS A 270 -2.47 10.49 -32.22
CA HIS A 270 -3.47 9.42 -32.02
C HIS A 270 -4.85 9.94 -31.58
N ARG A 271 -4.84 10.97 -30.72
CA ARG A 271 -6.04 11.67 -30.32
C ARG A 271 -6.75 12.28 -31.54
N GLN A 272 -5.99 13.02 -32.34
CA GLN A 272 -6.51 13.62 -33.58
C GLN A 272 -7.21 12.61 -34.49
N GLU A 273 -6.67 11.40 -34.57
CA GLU A 273 -7.27 10.31 -35.35
C GLU A 273 -8.69 10.02 -34.94
N LEU A 274 -8.92 10.00 -33.64
CA LEU A 274 -10.21 9.59 -33.11
C LEU A 274 -11.19 10.76 -33.06
N ILE A 275 -10.64 11.96 -32.87
CA ILE A 275 -11.36 13.22 -33.03
C ILE A 275 -11.90 13.34 -34.47
N GLU A 276 -11.01 13.18 -35.45
CA GLU A 276 -11.38 13.29 -36.86
C GLU A 276 -12.28 12.15 -37.37
N ARG A 277 -12.02 10.94 -36.89
CA ARG A 277 -12.79 9.76 -37.32
C ARG A 277 -13.26 8.93 -36.12
N PRO A 278 -14.32 9.40 -35.42
CA PRO A 278 -14.87 8.77 -34.21
C PRO A 278 -15.31 7.31 -34.36
N GLU A 279 -15.58 6.87 -35.59
CA GLU A 279 -16.02 5.48 -35.82
C GLU A 279 -14.89 4.47 -35.60
N ARG A 280 -13.65 4.98 -35.61
CA ARG A 280 -12.47 4.17 -35.36
C ARG A 280 -12.31 3.81 -33.88
N ILE A 281 -13.02 4.48 -33.00
CA ILE A 281 -12.80 4.28 -31.57
C ILE A 281 -12.86 2.81 -31.13
N PRO A 282 -13.84 2.02 -31.64
CA PRO A 282 -13.80 0.60 -31.25
C PRO A 282 -12.51 -0.14 -31.64
N ALA A 283 -12.03 0.02 -32.88
CA ALA A 283 -10.78 -0.64 -33.32
C ALA A 283 -9.59 -0.15 -32.51
N ALA A 284 -9.57 1.16 -32.29
CA ALA A 284 -8.53 1.83 -31.47
C ALA A 284 -8.52 1.26 -30.03
N SER A 285 -9.71 1.07 -29.47
CA SER A 285 -9.87 0.50 -28.14
CA SER A 285 -9.85 0.51 -28.13
C SER A 285 -9.22 -0.89 -28.06
N GLU A 286 -9.47 -1.72 -29.07
CA GLU A 286 -8.87 -3.05 -29.12
C GLU A 286 -7.34 -3.02 -29.22
N GLU A 287 -6.82 -2.09 -30.02
CA GLU A 287 -5.37 -1.90 -30.10
C GLU A 287 -4.81 -1.43 -28.76
N LEU A 288 -5.55 -0.59 -28.04
CA LEU A 288 -5.11 -0.12 -26.71
C LEU A 288 -5.13 -1.27 -25.72
N LEU A 289 -6.14 -2.13 -25.85
CA LEU A 289 -6.28 -3.38 -25.08
C LEU A 289 -5.07 -4.32 -25.27
N ARG A 290 -4.56 -4.40 -26.50
CA ARG A 290 -3.33 -5.13 -26.76
C ARG A 290 -2.12 -4.44 -26.15
N ARG A 291 -1.90 -3.18 -26.48
CA ARG A 291 -0.67 -2.46 -26.13
C ARG A 291 -0.53 -2.23 -24.63
N PHE A 292 -1.66 -2.01 -23.97
CA PHE A 292 -1.67 -1.68 -22.54
C PHE A 292 -2.37 -2.78 -21.75
N SER A 293 -2.20 -4.01 -22.23
CA SER A 293 -2.69 -5.21 -21.57
C SER A 293 -2.08 -5.22 -20.18
N LEU A 294 -2.77 -5.79 -19.21
CA LEU A 294 -2.43 -5.52 -17.81
C LEU A 294 -2.57 -6.69 -16.82
N VAL A 295 -3.05 -7.85 -17.29
CA VAL A 295 -3.27 -8.98 -16.41
C VAL A 295 -2.18 -10.05 -16.50
N ALA A 296 -1.80 -10.61 -15.36
CA ALA A 296 -0.89 -11.75 -15.38
C ALA A 296 -1.17 -12.74 -14.23
N ASP A 297 -1.88 -13.82 -14.56
CA ASP A 297 -1.99 -14.94 -13.64
C ASP A 297 -1.48 -16.20 -14.35
N GLY A 298 -1.95 -17.37 -13.93
CA GLY A 298 -1.46 -18.61 -14.49
C GLY A 298 -2.09 -19.83 -13.87
N ARG A 299 -1.27 -20.86 -13.71
CA ARG A 299 -1.75 -22.21 -13.50
C ARG A 299 -0.76 -22.99 -12.62
N ILE A 300 -1.13 -24.23 -12.28
CA ILE A 300 -0.26 -25.12 -11.48
C ILE A 300 -0.23 -26.47 -12.18
N LEU A 301 0.94 -27.09 -12.18
CA LEU A 301 1.16 -28.35 -12.86
C LEU A 301 0.46 -29.50 -12.12
N THR A 302 -0.36 -30.26 -12.84
CA THR A 302 -1.09 -31.41 -12.27
C THR A 302 -0.23 -32.68 -12.26
N SER A 303 0.82 -32.70 -13.09
CA SER A 303 1.70 -33.86 -13.19
C SER A 303 3.07 -33.43 -13.69
N ASP A 304 4.06 -34.31 -13.54
CA ASP A 304 5.30 -34.18 -14.30
C ASP A 304 4.96 -34.11 -15.79
N TYR A 305 5.53 -33.13 -16.47
CA TYR A 305 5.21 -32.87 -17.87
C TYR A 305 6.37 -32.18 -18.58
N GLU A 306 6.76 -32.72 -19.75
CA GLU A 306 7.75 -32.06 -20.59
C GLU A 306 7.04 -31.10 -21.56
N PHE A 307 7.29 -29.80 -21.39
CA PHE A 307 6.58 -28.77 -22.16
C PHE A 307 7.63 -28.04 -22.99
N HIS A 308 7.52 -28.11 -24.31
CA HIS A 308 8.51 -27.53 -25.23
C HIS A 308 9.95 -27.81 -24.76
N GLY A 309 10.26 -29.10 -24.64
CA GLY A 309 11.57 -29.55 -24.18
C GLY A 309 12.00 -29.11 -22.79
N VAL A 310 11.08 -28.58 -21.99
CA VAL A 310 11.39 -28.20 -20.60
C VAL A 310 10.69 -29.16 -19.63
N GLN A 311 11.44 -29.70 -18.67
CA GLN A 311 10.87 -30.65 -17.71
C GLN A 311 10.20 -29.89 -16.57
N LEU A 312 8.88 -30.00 -16.50
CA LEU A 312 8.07 -29.41 -15.42
C LEU A 312 7.65 -30.54 -14.45
N LYS A 313 7.60 -30.24 -13.15
CA LYS A 313 7.24 -31.21 -12.12
C LYS A 313 5.85 -30.92 -11.58
N LYS A 314 5.15 -31.98 -11.16
CA LYS A 314 3.85 -31.80 -10.50
C LYS A 314 3.96 -30.75 -9.38
N GLY A 315 3.04 -29.78 -9.41
CA GLY A 315 2.95 -28.72 -8.38
C GLY A 315 3.84 -27.50 -8.59
N ASP A 316 4.63 -27.51 -9.66
CA ASP A 316 5.32 -26.29 -10.15
C ASP A 316 4.22 -25.32 -10.53
N GLN A 317 4.45 -24.06 -10.22
CA GLN A 317 3.54 -23.02 -10.69
C GLN A 317 4.09 -22.44 -11.99
N ILE A 318 3.18 -22.01 -12.86
CA ILE A 318 3.60 -21.33 -14.07
C ILE A 318 2.78 -20.06 -14.29
N LEU A 319 3.46 -18.93 -14.22
CA LEU A 319 2.86 -17.64 -14.58
C LEU A 319 2.68 -17.65 -16.09
N LEU A 320 1.48 -17.30 -16.54
CA LEU A 320 1.20 -17.24 -17.97
C LEU A 320 0.61 -15.87 -18.30
N PRO A 321 1.48 -14.84 -18.39
CA PRO A 321 1.05 -13.45 -18.36
C PRO A 321 0.23 -13.12 -19.61
N GLN A 322 -1.06 -12.89 -19.41
CA GLN A 322 -1.96 -12.57 -20.53
C GLN A 322 -1.45 -11.33 -21.20
N MET A 323 -0.78 -10.47 -20.43
CA MET A 323 -0.21 -9.22 -20.93
C MET A 323 0.81 -9.47 -22.06
N LEU A 324 1.60 -10.53 -21.96
CA LEU A 324 2.73 -10.67 -22.88
C LEU A 324 2.39 -11.14 -24.29
N SER A 325 1.25 -11.79 -24.47
CA SER A 325 0.96 -12.41 -25.76
C SER A 325 0.90 -11.37 -26.88
N GLY A 326 0.15 -10.30 -26.66
CA GLY A 326 0.04 -9.21 -27.63
C GLY A 326 1.27 -8.32 -27.76
N LEU A 327 2.19 -8.41 -26.79
CA LEU A 327 3.47 -7.68 -26.83
C LEU A 327 4.60 -8.44 -27.55
N ASP A 328 4.33 -9.70 -27.86
CA ASP A 328 5.25 -10.63 -28.48
C ASP A 328 5.34 -10.23 -29.95
N GLU A 329 6.54 -9.87 -30.39
CA GLU A 329 6.75 -9.50 -31.80
C GLU A 329 6.48 -10.69 -32.75
N ARG A 330 6.39 -11.89 -32.20
CA ARG A 330 5.95 -13.04 -32.99
C ARG A 330 4.45 -12.96 -33.34
N GLU A 331 3.68 -12.19 -32.57
CA GLU A 331 2.25 -12.05 -32.79
C GLU A 331 1.92 -10.73 -33.51
N ASN A 332 2.68 -9.69 -33.19
CA ASN A 332 2.44 -8.36 -33.74
C ASN A 332 3.75 -7.67 -34.04
N ALA A 333 3.99 -7.35 -35.31
CA ALA A 333 5.20 -6.58 -35.72
C ALA A 333 5.17 -5.21 -35.06
N ALA A 334 6.34 -4.77 -34.59
CA ALA A 334 6.47 -3.55 -33.84
C ALA A 334 5.45 -3.47 -32.70
N PRO A 335 5.52 -4.41 -31.72
CA PRO A 335 4.52 -4.58 -30.66
C PRO A 335 4.33 -3.36 -29.74
N MET A 336 5.38 -2.58 -29.51
CA MET A 336 5.31 -1.46 -28.54
C MET A 336 4.73 -0.21 -29.16
N HIS A 337 4.57 -0.22 -30.47
CA HIS A 337 4.03 0.91 -31.22
C HIS A 337 2.53 0.74 -31.39
N VAL A 338 1.80 1.83 -31.14
CA VAL A 338 0.34 1.81 -31.24
C VAL A 338 -0.03 2.19 -32.68
N ASP A 339 -0.77 1.31 -33.32
CA ASP A 339 -1.24 1.53 -34.68
C ASP A 339 -2.71 1.20 -34.68
N PHE A 340 -3.54 2.24 -34.72
CA PHE A 340 -5.00 2.03 -34.75
C PHE A 340 -5.50 1.27 -35.98
N SER A 341 -4.67 1.21 -37.01
CA SER A 341 -5.02 0.60 -38.28
C SER A 341 -4.57 -0.85 -38.40
N ARG A 342 -3.71 -1.26 -37.46
CA ARG A 342 -3.23 -2.62 -37.36
C ARG A 342 -4.29 -3.60 -37.84
N GLN A 343 -3.94 -4.38 -38.87
CA GLN A 343 -4.92 -5.25 -39.56
C GLN A 343 -5.40 -6.43 -38.71
N LYS A 344 -4.48 -7.08 -38.00
CA LYS A 344 -4.86 -8.10 -37.02
C LYS A 344 -4.22 -7.83 -35.65
N VAL A 345 -5.07 -7.38 -34.72
CA VAL A 345 -4.66 -7.09 -33.36
C VAL A 345 -4.70 -8.39 -32.57
N SER A 346 -3.60 -9.10 -32.56
CA SER A 346 -3.48 -10.33 -31.79
C SER A 346 -3.18 -10.06 -30.30
N HIS A 347 -3.96 -10.66 -29.41
CA HIS A 347 -3.73 -10.55 -27.95
C HIS A 347 -4.50 -11.63 -27.17
N THR A 348 -4.14 -11.78 -25.89
CA THR A 348 -4.93 -12.57 -24.97
C THR A 348 -5.19 -11.70 -23.72
N THR A 349 -5.58 -10.45 -23.94
CA THR A 349 -5.74 -9.48 -22.86
C THR A 349 -6.83 -9.92 -21.90
N PHE A 350 -7.89 -10.49 -22.49
CA PHE A 350 -9.02 -11.09 -21.78
C PHE A 350 -8.92 -12.60 -21.52
N GLY A 351 -7.69 -13.14 -21.53
CA GLY A 351 -7.49 -14.57 -21.25
C GLY A 351 -7.66 -15.42 -22.49
N HIS A 352 -7.83 -16.71 -22.27
CA HIS A 352 -7.75 -17.71 -23.33
C HIS A 352 -8.15 -19.08 -22.78
N GLY A 353 -8.82 -19.88 -23.62
CA GLY A 353 -9.25 -21.20 -23.20
C GLY A 353 -10.57 -21.16 -22.46
N SER A 354 -10.72 -22.04 -21.46
CA SER A 354 -12.01 -22.27 -20.80
C SER A 354 -12.41 -21.16 -19.83
N HIS A 355 -11.46 -20.33 -19.43
CA HIS A 355 -11.73 -19.25 -18.49
C HIS A 355 -11.70 -17.84 -19.11
N LEU A 356 -11.98 -17.75 -20.42
CA LEU A 356 -12.09 -16.46 -21.10
C LEU A 356 -12.91 -15.50 -20.26
N CYS A 357 -12.43 -14.26 -20.15
CA CYS A 357 -13.08 -13.22 -19.34
C CYS A 357 -14.58 -13.15 -19.59
N LEU A 358 -15.37 -13.20 -18.52
CA LEU A 358 -16.83 -13.02 -18.62
C LEU A 358 -17.24 -11.56 -18.62
N GLY A 359 -16.37 -10.70 -18.11
CA GLY A 359 -16.69 -9.30 -17.94
C GLY A 359 -16.27 -8.42 -19.12
N GLN A 360 -15.80 -9.05 -20.19
CA GLN A 360 -15.09 -8.33 -21.26
C GLN A 360 -16.01 -7.47 -22.13
N HIS A 361 -17.27 -7.88 -22.25
CA HIS A 361 -18.25 -7.06 -22.91
C HIS A 361 -18.59 -5.81 -22.10
N LEU A 362 -18.67 -5.96 -20.77
CA LEU A 362 -18.91 -4.80 -19.89
C LEU A 362 -17.69 -3.90 -20.02
N ALA A 363 -16.51 -4.53 -20.04
CA ALA A 363 -15.26 -3.79 -20.07
C ALA A 363 -15.16 -2.94 -21.32
N ARG A 364 -15.31 -3.57 -22.48
CA ARG A 364 -15.25 -2.87 -23.76
C ARG A 364 -16.24 -1.71 -23.86
N ARG A 365 -17.48 -1.95 -23.45
CA ARG A 365 -18.48 -0.89 -23.47
C ARG A 365 -18.07 0.30 -22.60
N GLU A 366 -17.58 0.02 -21.39
CA GLU A 366 -17.06 1.07 -20.52
C GLU A 366 -15.91 1.84 -21.15
N ILE A 367 -15.00 1.12 -21.80
CA ILE A 367 -13.83 1.71 -22.42
C ILE A 367 -14.24 2.58 -23.61
N ILE A 368 -15.13 2.06 -24.42
CA ILE A 368 -15.54 2.76 -25.64
C ILE A 368 -16.43 3.97 -25.32
N VAL A 369 -17.30 3.81 -24.32
CA VAL A 369 -18.14 4.93 -23.86
C VAL A 369 -17.24 6.06 -23.31
N THR A 370 -16.24 5.69 -22.51
CA THR A 370 -15.29 6.66 -21.95
C THR A 370 -14.54 7.44 -23.04
N LEU A 371 -13.97 6.73 -24.01
CA LEU A 371 -13.15 7.38 -25.04
C LEU A 371 -14.00 8.28 -25.92
N LYS A 372 -15.18 7.79 -26.32
CA LYS A 372 -16.03 8.55 -27.20
C LYS A 372 -16.54 9.82 -26.53
N GLU A 373 -16.96 9.70 -25.27
CA GLU A 373 -17.47 10.86 -24.54
CA GLU A 373 -17.48 10.85 -24.53
C GLU A 373 -16.37 11.85 -24.16
N TRP A 374 -15.24 11.34 -23.69
CA TRP A 374 -14.11 12.22 -23.38
C TRP A 374 -13.58 12.96 -24.63
N LEU A 375 -13.40 12.24 -25.74
CA LEU A 375 -12.88 12.89 -26.93
C LEU A 375 -13.84 13.92 -27.54
N THR A 376 -15.13 13.74 -27.28
CA THR A 376 -16.14 14.70 -27.70
C THR A 376 -16.17 15.99 -26.87
N ARG A 377 -15.94 15.87 -25.56
CA ARG A 377 -16.07 16.98 -24.61
C ARG A 377 -14.74 17.68 -24.35
N ILE A 378 -13.67 16.90 -24.28
CA ILE A 378 -12.33 17.37 -23.91
C ILE A 378 -11.37 16.78 -24.95
N PRO A 379 -11.41 17.29 -26.21
CA PRO A 379 -10.59 16.73 -27.29
C PRO A 379 -9.07 16.86 -27.08
N ASP A 380 -8.67 17.92 -26.40
CA ASP A 380 -7.28 18.32 -26.30
C ASP A 380 -6.96 18.43 -24.83
N PHE A 381 -6.02 17.63 -24.39
CA PHE A 381 -5.65 17.61 -22.98
C PHE A 381 -4.25 17.06 -22.91
N SER A 382 -3.58 17.29 -21.78
CA SER A 382 -2.21 16.82 -21.66
CA SER A 382 -2.18 16.92 -21.64
C SER A 382 -1.88 16.42 -20.24
N ILE A 383 -0.69 15.86 -20.08
CA ILE A 383 -0.17 15.49 -18.77
C ILE A 383 0.16 16.81 -18.09
N ALA A 384 -0.10 16.92 -16.80
CA ALA A 384 0.15 18.14 -16.07
C ALA A 384 1.65 18.41 -16.04
N PRO A 385 2.04 19.70 -16.08
CA PRO A 385 3.43 20.17 -16.14
C PRO A 385 4.41 19.37 -15.28
N GLY A 386 5.40 18.78 -15.95
CA GLY A 386 6.49 18.09 -15.28
C GLY A 386 6.07 16.89 -14.45
N ALA A 387 4.84 16.40 -14.64
CA ALA A 387 4.43 15.15 -13.99
C ALA A 387 5.17 14.00 -14.63
N GLN A 388 5.69 13.09 -13.81
CA GLN A 388 6.23 11.82 -14.28
C GLN A 388 5.28 10.69 -13.89
N ILE A 389 4.69 10.02 -14.87
CA ILE A 389 3.70 8.99 -14.58
C ILE A 389 4.37 7.71 -14.15
N GLN A 390 4.03 7.23 -12.95
CA GLN A 390 4.56 5.97 -12.41
C GLN A 390 3.51 4.85 -12.43
N HIS A 391 3.94 3.65 -12.85
CA HIS A 391 3.08 2.48 -12.94
C HIS A 391 3.38 1.53 -11.78
N LYS A 392 2.53 0.52 -11.61
CA LYS A 392 2.70 -0.47 -10.54
C LYS A 392 2.31 -1.85 -11.11
N SER A 393 2.98 -2.88 -10.64
CA SER A 393 2.84 -4.21 -11.22
C SER A 393 2.22 -5.20 -10.24
N GLY A 394 1.59 -6.26 -10.76
CA GLY A 394 1.07 -7.33 -9.94
C GLY A 394 0.22 -8.24 -10.80
N ILE A 395 -0.72 -8.95 -10.19
CA ILE A 395 -1.67 -9.75 -10.96
C ILE A 395 -2.40 -8.86 -12.00
N VAL A 396 -2.76 -7.66 -11.59
CA VAL A 396 -3.25 -6.64 -12.53
C VAL A 396 -2.39 -5.43 -12.31
N SER A 397 -1.83 -4.89 -13.39
CA SER A 397 -0.96 -3.72 -13.26
C SER A 397 -1.76 -2.42 -13.35
N GLY A 398 -1.18 -1.32 -12.89
CA GLY A 398 -1.89 -0.07 -12.77
C GLY A 398 -1.04 1.18 -12.86
N VAL A 399 -1.73 2.33 -12.78
CA VAL A 399 -1.12 3.65 -12.82
C VAL A 399 -1.28 4.27 -11.45
N GLN A 400 -0.16 4.73 -10.87
CA GLN A 400 -0.17 5.36 -9.54
C GLN A 400 -1.00 6.65 -9.46
N ALA A 401 -0.88 7.50 -10.48
CA ALA A 401 -1.53 8.79 -10.50
C ALA A 401 -1.49 9.27 -11.92
N LEU A 402 -2.53 10.00 -12.34
CA LEU A 402 -2.52 10.56 -13.68
C LEU A 402 -3.08 11.97 -13.71
N PRO A 403 -2.25 12.98 -13.35
CA PRO A 403 -2.76 14.34 -13.42
C PRO A 403 -2.84 14.83 -14.86
N LEU A 404 -4.00 15.36 -15.22
CA LEU A 404 -4.30 15.82 -16.57
C LEU A 404 -4.70 17.29 -16.54
N VAL A 405 -4.39 18.02 -17.60
CA VAL A 405 -4.81 19.41 -17.70
C VAL A 405 -5.31 19.69 -19.09
N TRP A 406 -6.10 20.73 -19.20
CA TRP A 406 -6.59 21.16 -20.51
C TRP A 406 -7.13 22.57 -20.42
N ASP A 407 -7.35 23.16 -21.59
CA ASP A 407 -7.90 24.50 -21.66
C ASP A 407 -9.43 24.41 -21.75
N PRO A 408 -10.15 24.86 -20.69
CA PRO A 408 -11.60 24.81 -20.71
C PRO A 408 -12.24 25.49 -21.93
N ALA A 409 -11.58 26.52 -22.49
CA ALA A 409 -12.09 27.18 -23.71
C ALA A 409 -12.05 26.30 -24.96
N THR A 410 -11.24 25.23 -24.92
CA THR A 410 -11.17 24.27 -26.02
C THR A 410 -12.19 23.15 -25.89
N THR A 411 -12.95 23.13 -24.79
CA THR A 411 -13.86 22.04 -24.51
C THR A 411 -15.24 22.36 -25.07
N LYS A 412 -16.13 21.37 -25.15
CA LYS A 412 -17.54 21.69 -25.46
C LYS A 412 -18.53 21.06 -24.50
N ALA A 413 -19.39 21.91 -23.94
CA ALA A 413 -20.33 21.56 -22.86
C ALA A 413 -21.41 20.58 -23.28
N ASN B 10 29.44 5.15 28.87
CA ASN B 10 29.09 3.70 29.11
C ASN B 10 29.48 2.79 27.94
N LEU B 11 30.44 1.90 28.20
CA LEU B 11 30.90 0.93 27.21
C LEU B 11 31.07 -0.45 27.87
N ALA B 12 30.06 -1.31 27.70
CA ALA B 12 30.02 -2.60 28.38
C ALA B 12 31.06 -3.58 27.83
N PRO B 13 31.80 -4.24 28.73
CA PRO B 13 32.83 -5.21 28.34
C PRO B 13 32.31 -6.16 27.23
N LEU B 14 33.10 -6.31 26.18
CA LEU B 14 32.77 -7.18 25.06
C LEU B 14 32.56 -8.66 25.47
N PRO B 15 31.34 -9.20 25.23
CA PRO B 15 31.08 -10.63 25.44
C PRO B 15 32.02 -11.48 24.58
N PRO B 16 32.43 -12.66 25.08
CA PRO B 16 33.46 -13.45 24.38
C PRO B 16 33.01 -13.90 22.99
N HIS B 17 31.71 -14.12 22.80
CA HIS B 17 31.19 -14.66 21.53
C HIS B 17 31.22 -13.65 20.34
N VAL B 18 31.44 -12.38 20.66
CA VAL B 18 31.41 -11.30 19.66
C VAL B 18 32.81 -11.01 19.15
N PRO B 19 33.07 -11.27 17.85
CA PRO B 19 34.38 -10.96 17.28
C PRO B 19 34.65 -9.45 17.22
N GLU B 20 35.91 -9.09 17.45
CA GLU B 20 36.34 -7.70 17.58
C GLU B 20 36.07 -6.88 16.34
N HIS B 21 36.13 -7.53 15.18
CA HIS B 21 35.96 -6.83 13.91
C HIS B 21 34.50 -6.42 13.66
N LEU B 22 33.59 -6.91 14.50
CA LEU B 22 32.17 -6.53 14.40
C LEU B 22 31.76 -5.43 15.39
N VAL B 23 32.69 -4.94 16.21
CA VAL B 23 32.38 -3.87 17.16
C VAL B 23 32.25 -2.54 16.43
N PHE B 24 31.17 -1.83 16.71
CA PHE B 24 31.02 -0.46 16.27
C PHE B 24 30.17 0.22 17.33
N ASP B 25 30.77 1.13 18.09
CA ASP B 25 30.13 1.61 19.33
C ASP B 25 29.12 2.75 19.12
N PHE B 26 27.97 2.43 18.54
CA PHE B 26 26.94 3.43 18.30
C PHE B 26 26.05 3.58 19.56
N ASP B 27 25.74 4.82 19.95
CA ASP B 27 24.82 5.06 21.07
C ASP B 27 23.52 5.61 20.51
N MET B 28 22.47 4.79 20.50
CA MET B 28 21.19 5.17 19.89
C MET B 28 20.50 6.32 20.60
N TYR B 29 20.93 6.64 21.82
CA TYR B 29 20.31 7.73 22.54
C TYR B 29 21.14 8.99 22.45
N ASN B 30 22.37 8.84 21.97
CA ASN B 30 23.33 9.93 21.88
C ASN B 30 24.36 9.65 20.75
N PRO B 31 23.89 9.60 19.49
CA PRO B 31 24.80 9.26 18.40
C PRO B 31 25.76 10.41 18.14
N SER B 32 27.02 10.08 17.86
CA SER B 32 28.10 11.06 17.88
C SER B 32 28.00 12.17 16.83
N ASN B 33 27.29 11.94 15.74
CA ASN B 33 27.17 12.92 14.66
CA ASN B 33 27.18 12.98 14.71
C ASN B 33 25.80 13.62 14.68
N LEU B 34 25.17 13.68 15.86
CA LEU B 34 23.82 14.22 16.02
C LEU B 34 23.61 15.63 15.49
N SER B 35 24.63 16.48 15.61
CA SER B 35 24.59 17.85 15.12
C SER B 35 24.40 17.94 13.58
N ALA B 36 24.74 16.88 12.86
CA ALA B 36 24.51 16.91 11.41
C ALA B 36 23.03 16.60 11.07
N GLY B 37 22.24 16.25 12.10
CA GLY B 37 20.86 15.77 11.90
C GLY B 37 20.75 14.29 12.29
N VAL B 38 19.59 13.86 12.78
CA VAL B 38 19.48 12.55 13.43
C VAL B 38 19.57 11.41 12.40
N GLN B 39 18.94 11.57 11.24
CA GLN B 39 19.02 10.54 10.20
C GLN B 39 20.45 10.40 9.71
N GLU B 40 21.16 11.53 9.59
CA GLU B 40 22.58 11.57 9.22
C GLU B 40 23.44 10.85 10.23
N ALA B 41 23.13 11.05 11.50
CA ALA B 41 23.85 10.42 12.61
C ALA B 41 23.73 8.91 12.58
N TRP B 42 22.51 8.40 12.34
CA TRP B 42 22.26 6.98 12.22
C TRP B 42 22.90 6.37 10.96
N ALA B 43 22.84 7.11 9.86
CA ALA B 43 23.43 6.69 8.60
C ALA B 43 24.95 6.46 8.63
N VAL B 44 25.64 6.94 9.67
CA VAL B 44 27.07 6.61 9.77
C VAL B 44 27.26 5.09 9.87
N LEU B 45 26.19 4.39 10.28
CA LEU B 45 26.19 2.93 10.38
C LEU B 45 26.23 2.26 9.01
N GLN B 46 25.98 3.02 7.94
CA GLN B 46 25.89 2.45 6.60
C GLN B 46 27.05 2.84 5.70
N GLU B 47 28.03 3.54 6.25
CA GLU B 47 29.28 3.81 5.54
C GLU B 47 30.02 2.49 5.27
N CYS B 48 30.85 2.46 4.21
CA CYS B 48 31.37 1.23 3.66
C CYS B 48 32.22 0.41 4.63
N ASN B 49 32.79 1.06 5.65
CA ASN B 49 33.65 0.38 6.64
C ASN B 49 32.86 -0.36 7.74
N VAL B 50 31.54 -0.29 7.67
CA VAL B 50 30.65 -0.88 8.67
C VAL B 50 29.98 -2.15 8.13
N PRO B 51 30.18 -3.28 8.85
CA PRO B 51 29.54 -4.53 8.44
C PRO B 51 28.01 -4.45 8.52
N ASP B 52 27.36 -5.39 7.83
CA ASP B 52 25.92 -5.52 7.82
C ASP B 52 25.35 -5.67 9.24
N LEU B 53 26.09 -6.36 10.09
CA LEU B 53 25.62 -6.62 11.44
C LEU B 53 26.75 -6.38 12.40
N VAL B 54 26.55 -5.41 13.31
CA VAL B 54 27.60 -4.99 14.24
C VAL B 54 27.15 -5.07 15.71
N TRP B 55 28.14 -5.08 16.60
CA TRP B 55 27.93 -5.02 18.04
C TRP B 55 28.40 -3.67 18.59
N THR B 56 27.50 -2.92 19.24
CA THR B 56 27.89 -1.73 20.00
C THR B 56 28.01 -2.09 21.47
N ARG B 57 29.00 -1.51 22.15
CA ARG B 57 29.15 -1.78 23.60
C ARG B 57 28.37 -0.74 24.40
N SER B 58 27.76 0.21 23.68
CA SER B 58 26.90 1.24 24.30
C SER B 58 25.59 0.61 24.73
N ASN B 59 24.98 1.24 25.75
CA ASN B 59 23.67 0.89 26.26
C ASN B 59 23.56 -0.56 26.69
N GLY B 60 24.63 -1.06 27.33
CA GLY B 60 24.67 -2.42 27.90
C GLY B 60 25.19 -3.48 26.93
N GLY B 61 25.34 -3.10 25.66
CA GLY B 61 25.80 -4.03 24.63
C GLY B 61 24.65 -4.71 23.90
N HIS B 62 24.61 -4.53 22.57
CA HIS B 62 23.59 -5.12 21.70
C HIS B 62 23.99 -5.15 20.21
N TRP B 63 23.29 -5.97 19.42
CA TRP B 63 23.53 -6.00 17.99
C TRP B 63 22.76 -4.88 17.28
N ILE B 64 23.29 -4.41 16.15
CA ILE B 64 22.54 -3.49 15.30
C ILE B 64 22.67 -4.03 13.91
N ALA B 65 21.52 -4.27 13.27
CA ALA B 65 21.51 -4.55 11.84
C ALA B 65 21.41 -3.23 11.08
N THR B 66 22.21 -3.08 10.03
CA THR B 66 22.45 -1.76 9.45
C THR B 66 21.93 -1.64 8.02
N ARG B 67 21.37 -2.73 7.51
CA ARG B 67 20.97 -2.83 6.12
C ARG B 67 19.56 -3.32 6.04
N GLY B 68 18.82 -2.86 5.05
CA GLY B 68 17.41 -3.17 4.93
C GLY B 68 17.09 -4.65 4.82
N GLN B 69 17.92 -5.40 4.07
CA GLN B 69 17.77 -6.84 3.87
C GLN B 69 17.70 -7.61 5.20
N LEU B 70 18.63 -7.29 6.10
CA LEU B 70 18.68 -7.97 7.37
C LEU B 70 17.59 -7.53 8.31
N ILE B 71 17.22 -6.25 8.22
CA ILE B 71 16.22 -5.69 9.13
C ILE B 71 14.86 -6.33 8.82
N ARG B 72 14.51 -6.37 7.53
CA ARG B 72 13.29 -7.02 7.03
C ARG B 72 13.27 -8.51 7.44
N GLU B 73 14.39 -9.16 7.22
CA GLU B 73 14.48 -10.60 7.47
C GLU B 73 14.31 -10.91 8.96
N ALA B 74 14.94 -10.12 9.83
CA ALA B 74 14.84 -10.35 11.27
C ALA B 74 13.43 -10.02 11.76
N TYR B 75 12.79 -8.98 11.20
CA TYR B 75 11.40 -8.66 11.57
C TYR B 75 10.41 -9.75 11.13
N GLU B 76 10.75 -10.49 10.08
CA GLU B 76 9.88 -11.61 9.63
C GLU B 76 9.97 -12.83 10.53
N ASP B 77 11.16 -13.08 11.05
CA ASP B 77 11.44 -14.31 11.79
C ASP B 77 11.26 -14.13 13.29
N TYR B 78 10.02 -14.19 13.74
CA TYR B 78 9.71 -14.01 15.16
C TYR B 78 10.11 -15.20 16.03
N ARG B 79 10.31 -16.35 15.41
CA ARG B 79 10.77 -17.52 16.18
C ARG B 79 12.16 -17.35 16.79
N HIS B 80 13.07 -16.69 16.07
CA HIS B 80 14.42 -16.38 16.61
C HIS B 80 14.50 -14.98 17.24
N PHE B 81 13.76 -14.04 16.64
CA PHE B 81 13.83 -12.63 17.01
C PHE B 81 12.52 -12.20 17.67
N SER B 82 12.50 -12.26 19.00
CA SER B 82 11.27 -12.11 19.76
C SER B 82 10.95 -10.67 20.17
N SER B 83 9.67 -10.32 20.14
CA SER B 83 9.18 -9.01 20.61
C SER B 83 9.08 -8.93 22.16
N GLU B 84 9.42 -10.01 22.85
CA GLU B 84 9.37 -10.08 24.32
C GLU B 84 10.13 -8.92 24.95
N SER B 85 11.32 -8.62 24.42
CA SER B 85 12.11 -7.49 24.90
C SER B 85 12.54 -6.59 23.71
N PRO B 86 11.68 -5.64 23.32
CA PRO B 86 11.93 -4.93 22.07
C PRO B 86 12.61 -3.55 22.15
N PHE B 87 12.81 -3.03 23.37
CA PHE B 87 13.49 -1.75 23.57
C PHE B 87 14.89 -1.97 24.17
N ILE B 88 15.85 -1.19 23.71
CA ILE B 88 17.17 -1.09 24.34
C ILE B 88 17.06 0.06 25.33
N PRO B 89 17.71 -0.04 26.51
CA PRO B 89 18.56 -1.10 27.05
C PRO B 89 17.74 -2.27 27.62
N ARG B 90 18.43 -3.31 28.06
CA ARG B 90 17.78 -4.54 28.49
C ARG B 90 16.70 -4.23 29.51
N GLU B 91 17.01 -3.29 30.41
CA GLU B 91 16.12 -2.89 31.52
C GLU B 91 14.79 -2.36 31.00
N ALA B 92 14.84 -1.48 29.99
CA ALA B 92 13.64 -0.97 29.35
C ALA B 92 12.89 -2.11 28.68
N GLY B 93 13.62 -2.89 27.88
CA GLY B 93 13.07 -4.07 27.20
C GLY B 93 12.35 -5.01 28.14
N GLU B 94 12.97 -5.34 29.28
CA GLU B 94 12.35 -6.21 30.29
C GLU B 94 11.03 -5.63 30.82
N ALA B 95 11.00 -4.33 31.12
CA ALA B 95 9.81 -3.68 31.71
C ALA B 95 8.69 -3.35 30.68
N TYR B 96 9.06 -3.24 29.42
CA TYR B 96 8.11 -2.99 28.35
C TYR B 96 7.16 -4.18 28.16
N ASP B 97 5.89 -3.99 28.47
CA ASP B 97 4.90 -5.06 28.33
C ASP B 97 3.65 -4.64 27.54
N PHE B 98 3.78 -3.54 26.79
CA PHE B 98 2.69 -3.11 25.92
C PHE B 98 2.18 -4.25 25.04
N ILE B 99 0.89 -4.18 24.73
CA ILE B 99 0.24 -5.15 23.91
C ILE B 99 -0.30 -4.38 22.71
N PRO B 100 -0.10 -4.89 21.48
CA PRO B 100 0.48 -6.19 21.13
C PRO B 100 2.01 -6.26 20.99
N THR B 101 2.72 -5.13 21.10
CA THR B 101 4.12 -5.08 20.68
C THR B 101 5.12 -5.83 21.56
N SER B 102 4.73 -6.28 22.75
CA SER B 102 5.62 -7.15 23.52
C SER B 102 5.27 -8.63 23.33
N MET B 103 4.41 -8.92 22.34
CA MET B 103 3.98 -10.29 22.07
C MET B 103 4.36 -10.74 20.66
N ASP B 104 4.67 -12.03 20.51
CA ASP B 104 4.89 -12.65 19.19
C ASP B 104 3.62 -13.36 18.79
N PRO B 105 3.44 -13.65 17.48
CA PRO B 105 2.43 -14.65 17.19
C PRO B 105 2.88 -15.97 17.86
N PRO B 106 1.93 -16.81 18.30
CA PRO B 106 0.48 -16.68 18.09
C PRO B 106 -0.26 -15.72 19.03
N GLU B 107 0.29 -15.49 20.23
CA GLU B 107 -0.39 -14.68 21.27
C GLU B 107 -0.73 -13.26 20.79
N GLN B 108 0.16 -12.65 20.00
CA GLN B 108 -0.05 -11.29 19.50
C GLN B 108 -1.37 -11.09 18.70
N ARG B 109 -1.77 -12.10 17.94
CA ARG B 109 -2.74 -11.88 16.85
C ARG B 109 -4.12 -11.36 17.27
N GLN B 110 -4.70 -11.94 18.33
CA GLN B 110 -6.04 -11.49 18.77
C GLN B 110 -6.01 -10.06 19.29
N PHE B 111 -4.99 -9.74 20.07
CA PHE B 111 -4.78 -8.38 20.57
C PHE B 111 -4.59 -7.34 19.47
N ARG B 112 -3.81 -7.67 18.44
CA ARG B 112 -3.67 -6.81 17.26
C ARG B 112 -5.00 -6.59 16.55
N ALA B 113 -5.79 -7.65 16.33
CA ALA B 113 -7.13 -7.48 15.75
C ALA B 113 -8.00 -6.51 16.59
N LEU B 114 -7.91 -6.58 17.91
CA LEU B 114 -8.68 -5.65 18.73
C LEU B 114 -8.18 -4.20 18.58
N ALA B 115 -6.87 -3.97 18.74
CA ALA B 115 -6.31 -2.63 18.59
C ALA B 115 -6.66 -2.05 17.22
N ASN B 116 -6.87 -2.92 16.24
CA ASN B 116 -7.16 -2.51 14.86
C ASN B 116 -8.56 -1.95 14.74
N GLN B 117 -9.47 -2.39 15.61
CA GLN B 117 -10.83 -1.88 15.57
C GLN B 117 -10.85 -0.40 15.96
N VAL B 118 -9.86 0.07 16.71
CA VAL B 118 -9.83 1.47 17.16
C VAL B 118 -8.89 2.46 16.44
N VAL B 119 -7.95 1.98 15.63
CA VAL B 119 -7.04 2.86 14.90
C VAL B 119 -6.95 2.52 13.41
N GLY B 120 -7.76 1.55 12.97
CA GLY B 120 -7.70 1.04 11.60
C GLY B 120 -8.33 1.96 10.57
N MET B 121 -8.24 1.56 9.31
CA MET B 121 -8.71 2.37 8.20
C MET B 121 -10.13 2.90 8.32
N PRO B 122 -11.13 2.04 8.66
CA PRO B 122 -12.49 2.60 8.78
C PRO B 122 -12.59 3.73 9.84
N VAL B 123 -11.76 3.64 10.88
CA VAL B 123 -11.72 4.64 11.96
C VAL B 123 -11.19 5.98 11.44
N VAL B 124 -10.18 5.88 10.57
CA VAL B 124 -9.57 7.03 9.93
C VAL B 124 -10.57 7.69 9.01
N ASP B 125 -11.31 6.89 8.25
CA ASP B 125 -12.34 7.44 7.37
C ASP B 125 -13.38 8.24 8.13
N LYS B 126 -13.77 7.74 9.30
CA LYS B 126 -14.72 8.44 10.16
C LYS B 126 -14.13 9.72 10.77
N LEU B 127 -12.82 9.72 11.06
CA LEU B 127 -12.15 10.89 11.67
C LEU B 127 -11.72 11.96 10.67
N GLU B 128 -11.90 11.71 9.37
CA GLU B 128 -11.37 12.57 8.30
C GLU B 128 -11.84 14.03 8.43
N ASN B 129 -13.15 14.22 8.59
CA ASN B 129 -13.68 15.55 8.89
C ASN B 129 -13.05 16.25 10.10
N ARG B 130 -12.86 15.54 11.21
CA ARG B 130 -12.24 16.17 12.40
C ARG B 130 -10.82 16.54 12.11
N ILE B 131 -10.12 15.67 11.40
CA ILE B 131 -8.74 15.90 11.00
C ILE B 131 -8.65 17.19 10.19
N GLN B 132 -9.49 17.30 9.15
CA GLN B 132 -9.55 18.51 8.33
C GLN B 132 -9.88 19.77 9.16
N GLU B 133 -10.85 19.66 10.06
CA GLU B 133 -11.31 20.78 10.89
C GLU B 133 -10.21 21.34 11.79
N LEU B 134 -9.52 20.44 12.50
CA LEU B 134 -8.45 20.84 13.42
C LEU B 134 -7.20 21.37 12.67
N ALA B 135 -6.82 20.72 11.56
CA ALA B 135 -5.67 21.19 10.77
C ALA B 135 -5.92 22.63 10.33
N SER B 136 -7.10 22.86 9.73
CA SER B 136 -7.55 24.17 9.27
C SER B 136 -7.60 25.22 10.37
N SER B 137 -8.22 24.86 11.50
CA SER B 137 -8.36 25.77 12.63
C SER B 137 -6.99 26.16 13.15
N LEU B 138 -6.14 25.17 13.39
CA LEU B 138 -4.78 25.46 13.92
C LEU B 138 -3.96 26.30 12.97
N ILE B 139 -3.99 25.94 11.69
CA ILE B 139 -3.22 26.70 10.71
C ILE B 139 -3.75 28.12 10.55
N GLU B 140 -5.07 28.28 10.51
CA GLU B 140 -5.63 29.61 10.30
C GLU B 140 -5.26 30.52 11.47
N SER B 141 -5.31 29.97 12.67
CA SER B 141 -4.92 30.64 13.89
C SER B 141 -3.48 31.19 13.86
N LEU B 142 -2.52 30.38 13.39
CA LEU B 142 -1.11 30.76 13.33
C LEU B 142 -0.78 31.69 12.16
N ARG B 143 -1.48 31.49 11.04
CA ARG B 143 -1.23 32.21 9.78
C ARG B 143 -0.92 33.72 9.90
N PRO B 144 -1.81 34.51 10.55
CA PRO B 144 -1.48 35.92 10.56
C PRO B 144 -0.39 36.31 11.57
N GLN B 145 0.11 35.35 12.35
CA GLN B 145 1.18 35.64 13.31
C GLN B 145 2.54 35.88 12.67
N GLY B 146 2.82 35.24 11.54
CA GLY B 146 4.13 35.36 10.88
C GLY B 146 5.28 34.59 11.53
N GLN B 147 4.95 33.78 12.53
CA GLN B 147 5.96 32.97 13.24
C GLN B 147 5.21 31.95 14.07
N CYS B 148 5.91 30.88 14.46
CA CYS B 148 5.37 29.88 15.38
C CYS B 148 6.50 29.01 15.85
N ASN B 149 6.32 28.43 17.02
CA ASN B 149 7.17 27.37 17.50
C ASN B 149 6.55 26.06 17.02
N PHE B 150 6.96 25.57 15.84
CA PHE B 150 6.15 24.53 15.13
C PHE B 150 5.86 23.25 15.94
N THR B 151 6.82 22.88 16.77
CA THR B 151 6.70 21.67 17.56
C THR B 151 5.60 21.81 18.57
N GLU B 152 5.56 22.90 19.30
CA GLU B 152 4.53 23.02 20.32
C GLU B 152 3.23 23.60 19.81
N ASP B 153 3.24 24.27 18.64
CA ASP B 153 2.07 25.02 18.14
C ASP B 153 1.24 24.25 17.10
N TYR B 154 1.89 23.30 16.41
CA TYR B 154 1.16 22.42 15.51
C TYR B 154 1.48 20.94 15.68
N ALA B 155 2.77 20.61 15.61
CA ALA B 155 3.20 19.19 15.59
C ALA B 155 2.62 18.39 16.75
N GLU B 156 2.56 19.00 17.93
CA GLU B 156 2.00 18.32 19.07
C GLU B 156 0.47 18.44 19.16
N PRO B 157 -0.10 19.66 19.17
CA PRO B 157 -1.54 19.67 19.42
C PRO B 157 -2.39 19.02 18.31
N PHE B 158 -1.96 19.11 17.05
CA PHE B 158 -2.74 18.53 15.95
C PHE B 158 -2.98 17.01 16.05
N PRO B 159 -1.90 16.20 16.05
CA PRO B 159 -2.10 14.75 16.20
C PRO B 159 -2.61 14.38 17.58
N ILE B 160 -2.09 15.03 18.61
CA ILE B 160 -2.47 14.65 19.97
C ILE B 160 -3.94 14.90 20.20
N ARG B 161 -4.45 16.06 19.77
CA ARG B 161 -5.87 16.38 19.98
C ARG B 161 -6.81 15.44 19.24
N ILE B 162 -6.44 15.07 18.02
CA ILE B 162 -7.14 13.99 17.30
C ILE B 162 -7.10 12.70 18.13
N PHE B 163 -5.93 12.33 18.67
CA PHE B 163 -5.92 11.10 19.46
C PHE B 163 -6.82 11.18 20.69
N MET B 164 -6.79 12.31 21.41
CA MET B 164 -7.58 12.42 22.63
C MET B 164 -9.08 12.40 22.34
N LEU B 165 -9.47 13.02 21.24
CA LEU B 165 -10.84 12.92 20.76
C LEU B 165 -11.23 11.45 20.60
N LEU B 166 -10.39 10.68 19.88
CA LEU B 166 -10.60 9.25 19.62
C LEU B 166 -10.70 8.45 20.89
N ALA B 167 -9.77 8.71 21.81
CA ALA B 167 -9.69 7.98 23.07
C ALA B 167 -10.65 8.51 24.14
N GLY B 168 -11.37 9.59 23.84
CA GLY B 168 -12.32 10.14 24.82
C GLY B 168 -11.66 10.70 26.09
N LEU B 169 -10.48 11.29 25.93
CA LEU B 169 -9.73 11.81 27.09
C LEU B 169 -9.65 13.33 27.05
N PRO B 170 -9.68 13.97 28.23
CA PRO B 170 -9.63 15.44 28.29
C PRO B 170 -8.30 16.08 27.87
N GLU B 171 -8.41 17.12 27.04
CA GLU B 171 -7.25 17.85 26.52
C GLU B 171 -6.29 18.36 27.59
N GLU B 172 -6.83 18.67 28.77
CA GLU B 172 -6.00 19.16 29.87
CA GLU B 172 -6.06 19.13 29.92
C GLU B 172 -5.01 18.11 30.38
N ASP B 173 -5.21 16.84 30.01
CA ASP B 173 -4.27 15.78 30.42
C ASP B 173 -3.06 15.65 29.49
N ILE B 174 -3.09 16.38 28.38
CA ILE B 174 -2.04 16.30 27.37
C ILE B 174 -0.66 16.53 27.95
N PRO B 175 -0.41 17.69 28.62
CA PRO B 175 0.95 17.95 29.11
C PRO B 175 1.52 16.79 29.94
N HIS B 176 0.72 16.25 30.85
CA HIS B 176 1.20 15.16 31.70
C HIS B 176 1.50 13.88 30.87
N LEU B 177 0.56 13.51 30.02
CA LEU B 177 0.70 12.29 29.21
C LEU B 177 1.82 12.37 28.19
N LYS B 178 2.06 13.55 27.64
CA LYS B 178 3.07 13.73 26.60
C LYS B 178 4.43 13.68 27.26
N TYR B 179 4.52 14.21 28.46
CA TYR B 179 5.76 14.14 29.23
C TYR B 179 6.14 12.68 29.49
N LEU B 180 5.16 11.90 29.91
CA LEU B 180 5.36 10.50 30.23
C LEU B 180 5.74 9.69 28.99
N THR B 181 5.02 9.88 27.89
CA THR B 181 5.31 9.10 26.67
C THR B 181 6.75 9.33 26.20
N ASP B 182 7.21 10.58 26.27
CA ASP B 182 8.56 10.91 25.87
C ASP B 182 9.66 10.32 26.78
N GLN B 183 9.29 9.97 28.01
CA GLN B 183 10.29 9.39 28.94
C GLN B 183 10.49 7.91 28.65
N MET B 184 9.64 7.38 27.79
CA MET B 184 9.79 6.00 27.34
C MET B 184 10.56 5.85 26.04
N THR B 185 10.44 6.83 25.16
CA THR B 185 11.05 6.78 23.84
C THR B 185 12.39 7.50 23.77
N ARG B 186 12.53 8.58 24.56
CA ARG B 186 13.72 9.44 24.61
C ARG B 186 14.03 9.90 26.04
N PRO B 187 14.46 8.98 26.93
CA PRO B 187 14.58 9.35 28.36
C PRO B 187 15.58 10.49 28.65
N ASP B 188 15.22 11.38 29.57
CA ASP B 188 16.04 12.54 29.95
C ASP B 188 16.62 12.44 31.36
N GLY B 189 16.52 11.28 31.98
CA GLY B 189 16.96 11.12 33.37
C GLY B 189 16.02 11.80 34.36
N CYS B 190 14.77 12.01 33.93
CA CYS B 190 13.71 12.59 34.77
C CYS B 190 13.14 11.57 35.74
N MET B 191 13.20 10.30 35.34
CA MET B 191 12.60 9.18 36.06
C MET B 191 13.05 7.92 35.33
N THR B 192 12.89 6.75 35.97
CA THR B 192 13.24 5.49 35.30
C THR B 192 12.22 5.15 34.21
N PHE B 193 12.61 4.26 33.30
CA PHE B 193 11.71 3.79 32.25
C PHE B 193 10.43 3.16 32.81
N ALA B 194 10.59 2.20 33.73
CA ALA B 194 9.48 1.56 34.43
C ALA B 194 8.53 2.54 35.12
N GLU B 195 9.09 3.55 35.79
CA GLU B 195 8.31 4.59 36.46
C GLU B 195 7.46 5.39 35.49
N ALA B 196 8.01 5.69 34.33
CA ALA B 196 7.24 6.40 33.30
C ALA B 196 6.07 5.54 32.81
N LYS B 197 6.34 4.27 32.52
CA LYS B 197 5.29 3.33 32.16
C LYS B 197 4.23 3.19 33.26
N GLU B 198 4.68 3.07 34.51
CA GLU B 198 3.73 2.88 35.60
C GLU B 198 2.86 4.10 35.80
N ALA B 199 3.41 5.29 35.52
CA ALA B 199 2.61 6.51 35.68
C ALA B 199 1.57 6.62 34.55
N LEU B 200 1.92 6.19 33.35
CA LEU B 200 0.93 6.02 32.29
C LEU B 200 -0.16 5.05 32.72
N TYR B 201 0.26 3.95 33.35
CA TYR B 201 -0.66 2.91 33.77
C TYR B 201 -1.58 3.40 34.89
N ASP B 202 -1.02 4.16 35.84
CA ASP B 202 -1.79 4.74 36.95
C ASP B 202 -2.87 5.68 36.43
N TYR B 203 -2.54 6.42 35.39
CA TYR B 203 -3.50 7.29 34.76
C TYR B 203 -4.61 6.42 34.17
N LEU B 204 -4.26 5.37 33.44
CA LEU B 204 -5.27 4.57 32.72
C LEU B 204 -6.18 3.67 33.56
N ILE B 205 -5.64 3.06 34.60
CA ILE B 205 -6.39 2.05 35.39
C ILE B 205 -7.85 2.46 35.78
N PRO B 206 -8.02 3.57 36.53
CA PRO B 206 -9.38 3.92 36.93
C PRO B 206 -10.29 4.27 35.75
N ILE B 207 -9.70 4.82 34.68
CA ILE B 207 -10.46 5.18 33.48
C ILE B 207 -10.98 3.93 32.77
N ILE B 208 -10.10 2.92 32.65
CA ILE B 208 -10.47 1.60 32.16
C ILE B 208 -11.57 0.96 33.02
N GLU B 209 -11.46 1.03 34.35
CA GLU B 209 -12.52 0.49 35.22
C GLU B 209 -13.86 1.22 34.99
N GLN B 210 -13.80 2.55 34.89
CA GLN B 210 -14.99 3.36 34.61
C GLN B 210 -15.70 2.87 33.36
N ARG B 211 -14.92 2.65 32.31
CA ARG B 211 -15.48 2.43 30.99
C ARG B 211 -15.81 0.96 30.74
N ARG B 212 -15.36 0.10 31.66
CA ARG B 212 -15.81 -1.28 31.74
C ARG B 212 -17.16 -1.37 32.44
N GLN B 213 -17.33 -0.61 33.53
CA GLN B 213 -18.63 -0.49 34.19
C GLN B 213 -19.65 0.27 33.34
N LYS B 214 -19.26 1.44 32.82
CA LYS B 214 -20.18 2.29 32.06
C LYS B 214 -19.58 2.75 30.72
N PRO B 215 -19.56 1.85 29.73
CA PRO B 215 -18.85 2.17 28.48
C PRO B 215 -19.40 3.37 27.72
N GLY B 216 -18.51 4.09 27.02
CA GLY B 216 -18.88 5.15 26.08
C GLY B 216 -18.73 4.65 24.65
N THR B 217 -18.54 5.57 23.71
CA THR B 217 -18.31 5.22 22.33
C THR B 217 -16.84 5.38 21.95
N ASP B 218 -16.01 5.65 22.96
CA ASP B 218 -14.61 5.97 22.74
C ASP B 218 -13.73 4.72 22.59
N ALA B 219 -12.54 4.91 22.03
CA ALA B 219 -11.56 3.83 21.79
C ALA B 219 -11.15 3.03 23.02
N ILE B 220 -11.06 3.69 24.17
CA ILE B 220 -10.74 3.00 25.42
C ILE B 220 -11.92 2.11 25.86
N SER B 221 -13.15 2.61 25.69
CA SER B 221 -14.34 1.79 25.97
C SER B 221 -14.37 0.55 25.08
N ILE B 222 -13.98 0.71 23.82
CA ILE B 222 -14.02 -0.40 22.86
C ILE B 222 -12.95 -1.45 23.19
N VAL B 223 -11.73 -0.99 23.47
CA VAL B 223 -10.64 -1.88 23.91
C VAL B 223 -10.94 -2.61 25.21
N ALA B 224 -11.40 -1.89 26.22
CA ALA B 224 -11.62 -2.44 27.57
C ALA B 224 -12.81 -3.40 27.63
N ASN B 225 -13.67 -3.34 26.63
CA ASN B 225 -14.85 -4.22 26.54
C ASN B 225 -14.77 -5.24 25.41
N GLY B 226 -13.61 -5.30 24.77
CA GLY B 226 -13.39 -6.25 23.69
C GLY B 226 -13.25 -7.69 24.13
N GLN B 227 -13.30 -8.55 23.12
CA GLN B 227 -13.11 -9.98 23.29
C GLN B 227 -11.81 -10.38 22.61
N VAL B 228 -11.01 -11.17 23.31
CA VAL B 228 -9.84 -11.82 22.70
C VAL B 228 -9.84 -13.29 23.07
N ASN B 229 -9.46 -14.14 22.12
CA ASN B 229 -9.41 -15.60 22.35
C ASN B 229 -10.72 -16.19 22.89
N GLY B 230 -11.84 -15.64 22.42
CA GLY B 230 -13.16 -16.14 22.78
C GLY B 230 -13.63 -15.77 24.19
N ARG B 231 -12.94 -14.83 24.84
CA ARG B 231 -13.28 -14.39 26.21
C ARG B 231 -13.04 -12.87 26.39
N PRO B 232 -13.58 -12.27 27.47
CA PRO B 232 -13.35 -10.84 27.60
C PRO B 232 -11.88 -10.51 27.90
N ILE B 233 -11.41 -9.37 27.39
CA ILE B 233 -10.08 -8.88 27.73
C ILE B 233 -10.04 -8.61 29.22
N THR B 234 -8.90 -8.85 29.87
CA THR B 234 -8.73 -8.47 31.27
C THR B 234 -8.41 -6.97 31.40
N SER B 235 -8.59 -6.46 32.62
CA SER B 235 -8.30 -5.08 32.91
C SER B 235 -6.79 -4.82 32.68
N ASP B 236 -5.96 -5.77 33.10
CA ASP B 236 -4.52 -5.73 32.87
C ASP B 236 -4.15 -5.69 31.39
N GLU B 237 -4.78 -6.52 30.58
CA GLU B 237 -4.55 -6.50 29.13
C GLU B 237 -5.04 -5.19 28.48
N ALA B 238 -6.21 -4.72 28.87
CA ALA B 238 -6.70 -3.42 28.36
C ALA B 238 -5.73 -2.28 28.70
N LYS B 239 -5.19 -2.29 29.92
CA LYS B 239 -4.18 -1.32 30.37
C LYS B 239 -2.95 -1.31 29.46
N ARG B 240 -2.41 -2.50 29.23
CA ARG B 240 -1.18 -2.66 28.46
C ARG B 240 -1.36 -2.28 26.98
N MET B 241 -2.59 -2.35 26.48
CA MET B 241 -2.89 -2.00 25.08
C MET B 241 -3.15 -0.51 24.97
N CYS B 242 -3.90 0.02 25.93
CA CYS B 242 -4.20 1.46 25.97
C CYS B 242 -2.93 2.31 26.14
N GLY B 243 -1.99 1.82 26.95
CA GLY B 243 -0.69 2.46 27.08
C GLY B 243 -0.02 2.61 25.72
N LEU B 244 -0.04 1.54 24.92
CA LEU B 244 0.59 1.57 23.62
C LEU B 244 -0.14 2.54 22.71
N LEU B 245 -1.47 2.53 22.77
CA LEU B 245 -2.22 3.48 21.96
C LEU B 245 -1.90 4.92 22.34
N LEU B 246 -1.65 5.17 23.63
CA LEU B 246 -1.22 6.50 24.05
C LEU B 246 0.12 6.89 23.43
N VAL B 247 1.07 5.96 23.37
CA VAL B 247 2.40 6.30 22.86
C VAL B 247 2.36 6.46 21.34
N GLY B 248 1.58 5.62 20.65
CA GLY B 248 1.47 5.78 19.20
C GLY B 248 0.82 7.11 18.89
N GLY B 249 -0.22 7.44 19.65
CA GLY B 249 -0.92 8.71 19.43
C GLY B 249 -0.11 9.96 19.72
N LEU B 250 0.75 9.90 20.75
CA LEU B 250 1.47 11.10 21.24
C LEU B 250 2.92 11.32 20.79
N ASP B 251 3.54 10.27 20.25
CA ASP B 251 4.97 10.38 20.00
C ASP B 251 5.44 9.70 18.72
N THR B 252 4.60 9.73 17.69
CA THR B 252 5.03 9.19 16.43
C THR B 252 4.89 10.30 15.40
N VAL B 253 3.67 10.54 14.91
CA VAL B 253 3.38 11.59 13.90
C VAL B 253 3.86 12.95 14.38
N VAL B 254 3.72 13.18 15.69
CA VAL B 254 4.16 14.42 16.34
C VAL B 254 5.58 14.81 15.96
N ASN B 255 6.48 13.83 15.98
CA ASN B 255 7.87 14.06 15.64
C ASN B 255 8.09 14.12 14.14
N PHE B 256 7.43 13.22 13.40
CA PHE B 256 7.59 13.21 11.95
C PHE B 256 7.24 14.55 11.26
N LEU B 257 6.14 15.17 11.66
CA LEU B 257 5.73 16.43 11.04
C LEU B 257 6.81 17.48 11.22
N SER B 258 7.46 17.51 12.38
CA SER B 258 8.58 18.47 12.56
C SER B 258 9.78 18.20 11.65
N PHE B 259 10.19 16.94 11.46
CA PHE B 259 11.20 16.64 10.45
C PHE B 259 10.77 17.16 9.06
N SER B 260 9.52 16.88 8.69
CA SER B 260 9.00 17.24 7.36
C SER B 260 8.96 18.73 7.13
N MET B 261 8.49 19.47 8.12
CA MET B 261 8.34 20.92 7.97
C MET B 261 9.68 21.63 8.07
N GLU B 262 10.59 21.10 8.88
CA GLU B 262 11.97 21.59 8.89
C GLU B 262 12.60 21.52 7.48
N PHE B 263 12.44 20.37 6.83
CA PHE B 263 12.98 20.18 5.51
C PHE B 263 12.32 21.13 4.53
N LEU B 264 11.01 21.28 4.63
CA LEU B 264 10.30 22.15 3.69
C LEU B 264 10.67 23.61 3.89
N ALA B 265 10.88 24.01 5.15
CA ALA B 265 11.35 25.34 5.44
C ALA B 265 12.75 25.57 4.85
N LYS B 266 13.62 24.57 4.97
CA LYS B 266 15.01 24.67 4.49
C LYS B 266 15.14 24.50 2.96
N SER B 267 14.09 24.03 2.27
CA SER B 267 14.20 23.77 0.83
C SER B 267 13.10 24.39 -0.02
N PRO B 268 13.22 25.70 -0.32
CA PRO B 268 12.25 26.39 -1.16
C PRO B 268 11.87 25.62 -2.42
N GLU B 269 12.83 24.99 -3.09
CA GLU B 269 12.52 24.25 -4.33
C GLU B 269 11.48 23.15 -4.10
N HIS B 270 11.63 22.41 -3.01
CA HIS B 270 10.70 21.32 -2.66
C HIS B 270 9.34 21.84 -2.21
N ARG B 271 9.37 22.92 -1.44
CA ARG B 271 8.17 23.62 -1.02
C ARG B 271 7.44 24.20 -2.25
N GLN B 272 8.16 24.92 -3.11
CA GLN B 272 7.61 25.44 -4.39
C GLN B 272 7.01 24.35 -5.27
N GLU B 273 7.68 23.21 -5.36
CA GLU B 273 7.17 22.06 -6.09
C GLU B 273 5.79 21.54 -5.62
N LEU B 274 5.55 21.55 -4.30
CA LEU B 274 4.26 21.10 -3.76
C LEU B 274 3.15 22.17 -3.90
N ILE B 275 3.56 23.43 -3.92
CA ILE B 275 2.68 24.56 -4.16
C ILE B 275 2.22 24.54 -5.62
N GLU B 276 3.16 24.39 -6.55
CA GLU B 276 2.87 24.30 -7.97
C GLU B 276 2.10 23.03 -8.33
N ARG B 277 2.53 21.89 -7.80
CA ARG B 277 1.85 20.62 -8.10
C ARG B 277 1.32 19.95 -6.81
N PRO B 278 0.16 20.41 -6.30
CA PRO B 278 -0.40 19.81 -5.08
C PRO B 278 -0.72 18.32 -5.25
N GLU B 279 -0.96 17.90 -6.50
CA GLU B 279 -1.15 16.49 -6.84
C GLU B 279 0.01 15.57 -6.38
N ARG B 280 1.20 16.16 -6.14
CA ARG B 280 2.38 15.39 -5.72
C ARG B 280 2.42 15.15 -4.20
N ILE B 281 1.59 15.85 -3.45
CA ILE B 281 1.65 15.77 -1.99
C ILE B 281 1.65 14.34 -1.43
N PRO B 282 0.73 13.47 -1.89
CA PRO B 282 0.72 12.10 -1.35
C PRO B 282 2.04 11.34 -1.58
N ALA B 283 2.58 11.40 -2.80
CA ALA B 283 3.90 10.82 -3.11
C ALA B 283 5.02 11.51 -2.33
N ALA B 284 4.96 12.82 -2.21
CA ALA B 284 5.96 13.59 -1.44
C ALA B 284 5.98 13.12 0.00
N SER B 285 4.77 12.90 0.54
CA SER B 285 4.60 12.42 1.91
CA SER B 285 4.62 12.44 1.91
C SER B 285 5.35 11.12 2.13
N GLU B 286 5.20 10.18 1.19
CA GLU B 286 5.86 8.87 1.28
C GLU B 286 7.41 9.00 1.18
N GLU B 287 7.88 9.82 0.25
CA GLU B 287 9.31 10.14 0.15
C GLU B 287 9.85 10.78 1.43
N LEU B 288 9.05 11.66 2.05
CA LEU B 288 9.45 12.24 3.35
C LEU B 288 9.45 11.19 4.46
N LEU B 289 8.51 10.25 4.41
CA LEU B 289 8.49 9.11 5.36
C LEU B 289 9.70 8.21 5.23
N ARG B 290 10.23 8.11 4.03
CA ARG B 290 11.46 7.36 3.84
C ARG B 290 12.63 8.21 4.35
N ARG B 291 12.76 9.43 3.85
CA ARG B 291 13.94 10.24 4.16
C ARG B 291 14.08 10.66 5.62
N PHE B 292 12.94 10.93 6.27
CA PHE B 292 12.92 11.38 7.64
C PHE B 292 12.29 10.33 8.56
N SER B 293 12.49 9.07 8.18
CA SER B 293 12.14 7.91 9.02
C SER B 293 12.73 8.13 10.42
N LEU B 294 12.10 7.60 11.45
CA LEU B 294 12.43 8.08 12.79
C LEU B 294 12.35 7.05 13.91
N VAL B 295 11.97 5.82 13.56
CA VAL B 295 11.80 4.75 14.59
C VAL B 295 12.95 3.75 14.59
N ALA B 296 13.33 3.32 15.79
CA ALA B 296 14.29 2.22 15.97
C ALA B 296 14.04 1.39 17.24
N ASP B 297 13.27 0.31 17.13
CA ASP B 297 13.27 -0.69 18.21
C ASP B 297 13.90 -1.99 17.70
N GLY B 298 13.60 -3.11 18.33
CA GLY B 298 14.29 -4.34 17.97
C GLY B 298 13.69 -5.56 18.62
N ARG B 299 14.51 -6.57 18.82
CA ARG B 299 14.05 -7.89 19.22
C ARG B 299 15.07 -8.52 20.17
N ILE B 300 14.71 -9.67 20.72
CA ILE B 300 15.60 -10.40 21.59
C ILE B 300 15.71 -11.84 21.05
N LEU B 301 16.91 -12.39 21.11
CA LEU B 301 17.19 -13.73 20.58
C LEU B 301 16.58 -14.80 21.47
N THR B 302 15.79 -15.69 20.88
CA THR B 302 15.14 -16.73 21.65
C THR B 302 16.08 -17.91 21.93
N SER B 303 17.11 -18.04 21.11
CA SER B 303 18.06 -19.13 21.22
C SER B 303 19.35 -18.74 20.52
N ASP B 304 20.39 -19.55 20.67
CA ASP B 304 21.59 -19.42 19.83
C ASP B 304 21.19 -19.56 18.37
N TYR B 305 21.79 -18.76 17.51
CA TYR B 305 21.38 -18.71 16.12
C TYR B 305 22.47 -18.04 15.31
N GLU B 306 22.79 -18.63 14.16
CA GLU B 306 23.74 -18.07 13.23
C GLU B 306 22.95 -17.29 12.19
N PHE B 307 23.20 -15.98 12.11
CA PHE B 307 22.45 -15.12 11.21
C PHE B 307 23.44 -14.41 10.31
N HIS B 308 23.31 -14.63 9.00
CA HIS B 308 24.22 -14.04 8.02
C HIS B 308 25.69 -14.13 8.47
N GLY B 309 26.15 -15.37 8.68
CA GLY B 309 27.53 -15.64 9.10
C GLY B 309 27.92 -15.06 10.44
N VAL B 310 26.93 -14.63 11.22
CA VAL B 310 27.21 -14.02 12.53
C VAL B 310 26.57 -14.84 13.66
N GLN B 311 27.39 -15.16 14.67
CA GLN B 311 27.00 -16.01 15.79
C GLN B 311 26.26 -15.21 16.88
N LEU B 312 24.95 -15.39 16.98
CA LEU B 312 24.12 -14.70 18.01
C LEU B 312 23.75 -15.62 19.20
N LYS B 313 23.91 -15.14 20.44
CA LYS B 313 23.55 -15.96 21.62
C LYS B 313 22.13 -15.71 22.11
N LYS B 314 21.50 -16.75 22.68
CA LYS B 314 20.20 -16.61 23.34
C LYS B 314 20.26 -15.41 24.26
N GLY B 315 19.28 -14.52 24.18
CA GLY B 315 19.22 -13.35 25.08
C GLY B 315 20.00 -12.11 24.64
N ASP B 316 20.78 -12.24 23.57
CA ASP B 316 21.39 -11.09 22.88
C ASP B 316 20.28 -10.22 22.40
N GLN B 317 20.43 -8.92 22.58
CA GLN B 317 19.44 -7.98 22.08
C GLN B 317 19.86 -7.55 20.69
N ILE B 318 18.89 -7.28 19.85
CA ILE B 318 19.24 -6.80 18.52
C ILE B 318 18.34 -5.62 18.16
N LEU B 319 19.00 -4.48 17.99
CA LEU B 319 18.40 -3.27 17.44
C LEU B 319 18.20 -3.46 15.94
N LEU B 320 16.96 -3.26 15.49
CA LEU B 320 16.61 -3.41 14.09
C LEU B 320 15.96 -2.13 13.60
N PRO B 321 16.77 -1.10 13.31
CA PRO B 321 16.26 0.26 13.18
C PRO B 321 15.40 0.42 11.92
N GLN B 322 14.09 0.60 12.10
CA GLN B 322 13.17 0.77 10.99
C GLN B 322 13.63 1.94 10.13
N MET B 323 14.19 2.95 10.78
CA MET B 323 14.74 4.14 10.12
C MET B 323 15.76 3.81 9.02
N LEU B 324 16.61 2.81 9.26
CA LEU B 324 17.74 2.57 8.37
C LEU B 324 17.40 1.93 7.00
N SER B 325 16.32 1.17 6.90
CA SER B 325 16.05 0.41 5.67
C SER B 325 15.93 1.31 4.42
N GLY B 326 15.14 2.38 4.53
CA GLY B 326 14.98 3.34 3.44
C GLY B 326 16.19 4.25 3.20
N LEU B 327 17.11 4.30 4.16
CA LEU B 327 18.33 5.11 4.00
C LEU B 327 19.50 4.29 3.42
N ASP B 328 19.31 2.97 3.37
CA ASP B 328 20.27 2.03 2.80
C ASP B 328 20.39 2.30 1.31
N GLU B 329 21.59 2.65 0.86
CA GLU B 329 21.80 2.88 -0.57
C GLU B 329 21.59 1.63 -1.42
N ARG B 330 21.61 0.46 -0.80
CA ARG B 330 21.24 -0.76 -1.52
C ARG B 330 19.74 -0.80 -1.78
N GLU B 331 18.95 -0.07 -0.98
CA GLU B 331 17.49 -0.01 -1.18
C GLU B 331 17.02 1.17 -2.02
N ASN B 332 17.74 2.30 -1.93
CA ASN B 332 17.37 3.54 -2.64
C ASN B 332 18.61 4.30 -3.06
N ALA B 333 18.73 4.63 -4.35
CA ALA B 333 19.90 5.39 -4.84
C ALA B 333 19.88 6.80 -4.29
N ALA B 334 21.07 7.36 -4.04
CA ALA B 334 21.21 8.71 -3.46
C ALA B 334 20.20 8.89 -2.31
N PRO B 335 20.29 8.02 -1.28
CA PRO B 335 19.24 7.91 -0.26
C PRO B 335 19.04 9.14 0.63
N MET B 336 20.06 9.99 0.75
CA MET B 336 19.94 11.21 1.56
C MET B 336 19.28 12.37 0.80
N HIS B 337 19.15 12.21 -0.51
CA HIS B 337 18.50 13.23 -1.33
C HIS B 337 17.02 12.95 -1.48
N VAL B 338 16.24 14.02 -1.32
CA VAL B 338 14.80 13.95 -1.36
C VAL B 338 14.38 14.14 -2.81
N ASP B 339 13.65 13.18 -3.33
CA ASP B 339 13.14 13.27 -4.68
C ASP B 339 11.66 12.88 -4.70
N PHE B 340 10.78 13.88 -4.79
CA PHE B 340 9.33 13.64 -4.74
C PHE B 340 8.86 12.74 -5.88
N SER B 341 9.67 12.65 -6.92
CA SER B 341 9.38 11.79 -8.05
C SER B 341 10.19 10.49 -8.04
N ARG B 342 10.64 10.06 -6.87
CA ARG B 342 11.39 8.81 -6.75
C ARG B 342 10.50 7.61 -7.13
N GLN B 343 11.02 6.73 -8.01
CA GLN B 343 10.17 5.75 -8.71
C GLN B 343 9.66 4.56 -7.87
N LYS B 344 10.51 4.09 -6.96
CA LYS B 344 10.13 3.01 -6.06
C LYS B 344 10.69 3.36 -4.66
N VAL B 345 9.85 3.96 -3.84
CA VAL B 345 10.19 4.38 -2.47
C VAL B 345 10.20 3.20 -1.49
N SER B 346 11.35 2.57 -1.32
CA SER B 346 11.50 1.46 -0.39
C SER B 346 11.81 2.02 1.00
N HIS B 347 11.08 1.53 2.02
CA HIS B 347 11.38 1.87 3.44
C HIS B 347 10.69 0.87 4.36
N THR B 348 11.04 0.89 5.65
CA THR B 348 10.32 0.08 6.59
C THR B 348 9.96 1.03 7.73
N THR B 349 9.52 2.22 7.33
CA THR B 349 9.25 3.30 8.28
C THR B 349 8.17 2.94 9.31
N PHE B 350 7.14 2.22 8.83
CA PHE B 350 6.06 1.77 9.68
C PHE B 350 6.30 0.35 10.20
N GLY B 351 7.55 -0.08 10.22
CA GLY B 351 7.89 -1.44 10.66
C GLY B 351 7.75 -2.49 9.57
N HIS B 352 7.83 -3.75 9.99
CA HIS B 352 7.88 -4.90 9.10
C HIS B 352 7.53 -6.16 9.88
N GLY B 353 6.93 -7.14 9.20
CA GLY B 353 6.52 -8.36 9.85
C GLY B 353 5.15 -8.27 10.52
N SER B 354 4.95 -9.10 11.55
CA SER B 354 3.62 -9.26 12.15
C SER B 354 3.17 -8.02 12.90
N HIS B 355 4.12 -7.15 13.27
CA HIS B 355 3.83 -5.95 14.02
C HIS B 355 3.70 -4.67 13.17
N LEU B 356 3.78 -4.83 11.85
CA LEU B 356 3.52 -3.75 10.90
C LEU B 356 2.48 -2.73 11.43
N CYS B 357 2.88 -1.46 11.51
CA CYS B 357 2.06 -0.37 12.11
C CYS B 357 0.58 -0.39 11.74
N LEU B 358 -0.26 -0.54 12.76
CA LEU B 358 -1.73 -0.48 12.61
C LEU B 358 -2.22 0.95 12.37
N GLY B 359 -1.48 1.92 12.89
CA GLY B 359 -1.84 3.34 12.82
C GLY B 359 -1.29 4.12 11.63
N GLN B 360 -0.73 3.42 10.65
CA GLN B 360 -0.06 4.09 9.53
C GLN B 360 -0.98 4.83 8.58
N HIS B 361 -2.21 4.35 8.35
CA HIS B 361 -3.18 5.12 7.56
C HIS B 361 -3.53 6.42 8.23
N LEU B 362 -3.72 6.39 9.55
CA LEU B 362 -4.01 7.60 10.29
C LEU B 362 -2.87 8.60 10.13
N ALA B 363 -1.64 8.12 10.32
CA ALA B 363 -0.45 8.96 10.21
C ALA B 363 -0.34 9.59 8.82
N ARG B 364 -0.49 8.75 7.79
CA ARG B 364 -0.46 9.21 6.41
C ARG B 364 -1.50 10.29 6.17
N ARG B 365 -2.74 10.07 6.63
CA ARG B 365 -3.80 11.06 6.44
C ARG B 365 -3.50 12.39 7.17
N GLU B 366 -2.99 12.28 8.39
CA GLU B 366 -2.61 13.48 9.14
C GLU B 366 -1.45 14.23 8.47
N ILE B 367 -0.47 13.51 7.95
CA ILE B 367 0.65 14.14 7.26
C ILE B 367 0.14 14.83 6.00
N ILE B 368 -0.66 14.10 5.22
CA ILE B 368 -1.16 14.63 3.93
C ILE B 368 -2.05 15.85 4.12
N VAL B 369 -2.98 15.77 5.06
CA VAL B 369 -3.82 16.92 5.40
C VAL B 369 -2.96 18.07 5.92
N THR B 370 -1.93 17.79 6.70
CA THR B 370 -1.09 18.91 7.19
C THR B 370 -0.44 19.66 6.02
N LEU B 371 0.14 18.90 5.08
CA LEU B 371 0.91 19.48 4.01
C LEU B 371 0.03 20.27 3.04
N LYS B 372 -1.17 19.76 2.71
CA LYS B 372 -2.13 20.49 1.85
C LYS B 372 -2.61 21.77 2.52
N GLU B 373 -2.97 21.65 3.79
CA GLU B 373 -3.57 22.76 4.50
C GLU B 373 -2.57 23.86 4.89
N TRP B 374 -1.32 23.47 5.16
CA TRP B 374 -0.26 24.45 5.44
C TRP B 374 0.14 25.22 4.19
N LEU B 375 0.49 24.49 3.13
CA LEU B 375 0.99 25.09 1.92
C LEU B 375 -0.06 25.92 1.18
N THR B 376 -1.34 25.62 1.40
CA THR B 376 -2.43 26.47 0.85
C THR B 376 -2.48 27.82 1.57
N ARG B 377 -2.20 27.83 2.88
CA ARG B 377 -2.34 29.02 3.73
C ARG B 377 -1.04 29.76 4.06
N ILE B 378 0.04 29.02 4.23
CA ILE B 378 1.34 29.59 4.57
C ILE B 378 2.36 28.98 3.59
N PRO B 379 2.29 29.36 2.30
CA PRO B 379 3.14 28.71 1.30
C PRO B 379 4.60 29.10 1.38
N ASP B 380 4.89 30.26 1.95
CA ASP B 380 6.28 30.74 2.07
CA ASP B 380 6.27 30.72 2.07
C ASP B 380 6.65 30.91 3.53
N PHE B 381 7.66 30.17 3.95
CA PHE B 381 8.14 30.25 5.32
C PHE B 381 9.54 29.69 5.34
N SER B 382 10.23 29.93 6.44
CA SER B 382 11.61 29.50 6.57
C SER B 382 11.96 29.42 8.07
N ILE B 383 13.15 28.91 8.37
CA ILE B 383 13.64 28.85 9.73
C ILE B 383 13.90 30.29 10.20
N ALA B 384 13.59 30.58 11.46
CA ALA B 384 13.90 31.89 12.05
C ALA B 384 15.39 32.16 11.88
N PRO B 385 15.78 33.39 11.51
CA PRO B 385 17.20 33.61 11.19
C PRO B 385 18.07 33.39 12.42
N GLY B 386 19.21 32.73 12.22
CA GLY B 386 20.14 32.42 13.31
C GLY B 386 19.84 31.18 14.15
N ALA B 387 18.62 30.64 14.04
CA ALA B 387 18.26 29.40 14.75
C ALA B 387 19.02 28.19 14.17
N GLN B 388 19.47 27.31 15.05
CA GLN B 388 20.11 26.08 14.63
C GLN B 388 19.23 24.96 15.16
N ILE B 389 18.64 24.17 14.26
CA ILE B 389 17.68 23.16 14.64
C ILE B 389 18.40 21.94 15.21
N GLN B 390 18.09 21.60 16.46
N GLN B 390 18.08 21.61 16.46
CA GLN B 390 18.69 20.46 17.14
CA GLN B 390 18.65 20.47 17.17
C GLN B 390 17.72 19.27 17.21
C GLN B 390 17.70 19.27 17.19
N HIS B 391 18.21 18.11 16.81
CA HIS B 391 17.44 16.86 16.87
C HIS B 391 17.76 16.05 18.15
N LYS B 392 16.90 15.09 18.45
CA LYS B 392 17.11 14.19 19.58
C LYS B 392 16.84 12.75 19.13
N SER B 393 17.70 11.84 19.58
CA SER B 393 17.66 10.44 19.17
C SER B 393 17.14 9.51 20.27
N GLY B 394 16.48 8.43 19.83
CA GLY B 394 15.94 7.42 20.74
C GLY B 394 15.13 6.37 19.99
N ILE B 395 14.18 5.74 20.67
CA ILE B 395 13.31 4.75 20.05
C ILE B 395 12.52 5.43 18.95
N VAL B 396 12.07 6.65 19.23
CA VAL B 396 11.54 7.55 18.19
C VAL B 396 12.37 8.81 18.24
N SER B 397 12.91 9.23 17.12
CA SER B 397 13.70 10.47 17.11
C SER B 397 12.80 11.66 16.93
N GLY B 398 13.32 12.85 17.16
CA GLY B 398 12.52 14.06 17.07
C GLY B 398 13.34 15.34 16.99
N VAL B 399 12.61 16.46 16.94
CA VAL B 399 13.13 17.81 16.74
C VAL B 399 12.83 18.56 18.03
N GLN B 400 13.88 19.01 18.71
CA GLN B 400 13.77 19.78 19.95
C GLN B 400 12.88 21.01 19.81
N ALA B 401 13.09 21.81 18.76
CA ALA B 401 12.37 23.06 18.57
C ALA B 401 12.40 23.44 17.10
N LEU B 402 11.32 24.02 16.61
CA LEU B 402 11.32 24.40 15.21
C LEU B 402 10.67 25.75 14.99
N PRO B 403 11.44 26.83 15.22
CA PRO B 403 10.94 28.20 15.09
C PRO B 403 10.85 28.57 13.60
N LEU B 404 9.64 28.85 13.15
CA LEU B 404 9.39 29.16 11.76
C LEU B 404 8.92 30.60 11.66
N VAL B 405 9.20 31.24 10.53
CA VAL B 405 8.78 32.62 10.31
C VAL B 405 8.30 32.77 8.87
N TRP B 406 7.46 33.79 8.68
CA TRP B 406 6.95 34.07 7.38
C TRP B 406 6.38 35.45 7.38
N ASP B 407 6.13 35.97 6.19
CA ASP B 407 5.50 37.25 6.08
C ASP B 407 4.02 37.02 5.97
N PRO B 408 3.24 37.50 6.96
CA PRO B 408 1.78 37.38 6.93
C PRO B 408 1.14 37.90 5.64
N ALA B 409 1.77 38.90 5.01
CA ALA B 409 1.30 39.44 3.74
C ALA B 409 1.22 38.35 2.69
N THR B 410 2.12 37.38 2.77
CA THR B 410 2.22 36.33 1.76
C THR B 410 1.30 35.13 2.03
N THR B 411 0.43 35.25 3.01
CA THR B 411 -0.42 34.13 3.38
C THR B 411 -1.81 34.23 2.72
N LYS B 412 -2.55 33.13 2.74
CA LYS B 412 -3.87 33.07 2.13
C LYS B 412 -4.88 32.56 3.15
N ALA B 413 -5.91 33.35 3.45
CA ALA B 413 -6.94 32.94 4.43
C ALA B 413 -7.90 31.89 3.89
#